data_3H5C
#
_entry.id   3H5C
#
_cell.length_a   119.934
_cell.length_b   119.934
_cell.length_c   347.672
_cell.angle_alpha   90.00
_cell.angle_beta   90.00
_cell.angle_gamma   120.00
#
_symmetry.space_group_name_H-M   'P 65 2 2'
#
loop_
_entity.id
_entity.type
_entity.pdbx_description
1 polymer 'Protein Z-dependent protease inhibitor'
2 polymer 'Vitamin K-dependent protein Z'
3 non-polymer 2-acetamido-2-deoxy-beta-D-glucopyranose
4 non-polymer beta-D-glucopyranose
5 water water
#
loop_
_entity_poly.entity_id
_entity_poly.type
_entity_poly.pdbx_seq_one_letter_code
_entity_poly.pdbx_strand_id
1 'polypeptide(L)'
;LAPSPQSPETPAPQNQTSRVVQAPKEEEEDEQEASEEKASEEEKAWLMASRQQLAKETSNFGFSLLRKISMRHDGNMVFS
PFGMSLAMTGLMLGATGPTETQIKRGLHLQALKPTKPGLLPSLFKGLRETLSRNLELGLTQGSFAFIHKDFDVKETFFNL
SKRYFDTECVPMNFRNASQAKRLMNHYINKETRGKIPKLFDEINPETKLILVDYILFKGKWLTPFDPVFTEVDTFHLDKY
KTIKVPMMYGAGKFASTFDKNFRCHVLKLPYQGNATMLVVLMEKMGDHLALEDYLTTDLVETWLRNMKTRNMEVFFPKFK
LDQKYEMHELLRQMGIRRIFSPFADLSELSATGRNLQVSRVLQRTVIEVDERGTEAVAGILSEITAYSMPPVIKVDRPFH
FMIYEETSGMLLFLGRVVNPTLL
;
A
2 'polypeptide(L)'
;RYKGGSPCISQPCLHNGSCQDSIWGYTCTCSPGYEGSNCELAKNECHPERTDGCQHFCLPGQESYTCSCAQGYRLGEDHK
QCVPHDQCACGVLTSEKRAPDLQDLPWQVKLTNSEGKDFCGGVIIRENFVLTTAKCSLLHRNITVKTYFNRTSQDPLMIK
ITHVHVHMRYDADAGENDLSLLELEWPIQCPGAGLPVCTPEKDFAEHLLIPRTRGLLSGWARNGTDLGNSLTTRPVTLVE
GEECGQVLNVTVTTRTYCERSSVAAMHWMDGSVVTREHRGSWFLTGVLGSQPVGGQAHMVLVTKVSRYSLWFKQIMN
;
B
#
# COMPACT_ATOMS: atom_id res chain seq x y z
N SER A 40 26.01 -32.33 15.92
CA SER A 40 25.49 -33.11 17.03
C SER A 40 24.00 -33.43 16.84
N GLU A 41 23.60 -34.62 17.27
CA GLU A 41 22.20 -35.03 17.20
C GLU A 41 21.31 -34.08 18.00
N GLU A 42 21.95 -33.31 18.89
CA GLU A 42 21.25 -32.31 19.67
C GLU A 42 20.65 -31.26 18.73
N GLU A 43 21.49 -30.75 17.84
CA GLU A 43 21.08 -29.72 16.88
C GLU A 43 19.86 -30.14 16.05
N LYS A 44 19.96 -31.28 15.38
CA LYS A 44 18.89 -31.76 14.53
C LYS A 44 17.54 -31.85 15.24
N ALA A 45 17.55 -32.29 16.49
CA ALA A 45 16.32 -32.38 17.28
C ALA A 45 15.63 -31.02 17.36
N TRP A 46 16.43 -29.97 17.34
CA TRP A 46 15.94 -28.60 17.47
C TRP A 46 15.44 -28.05 16.13
N LEU A 47 16.24 -28.22 15.08
CA LEU A 47 15.95 -27.69 13.76
C LEU A 47 14.55 -28.05 13.26
N MET A 48 13.95 -29.09 13.81
CA MET A 48 12.65 -29.53 13.33
C MET A 48 11.53 -28.68 13.91
N ALA A 49 11.65 -28.34 15.18
CA ALA A 49 10.66 -27.49 15.83
C ALA A 49 10.82 -26.04 15.38
N SER A 50 12.02 -25.70 14.95
CA SER A 50 12.33 -24.33 14.54
C SER A 50 12.01 -24.07 13.08
N ARG A 51 11.71 -25.12 12.32
CA ARG A 51 11.30 -24.94 10.93
C ARG A 51 10.14 -23.98 10.86
N GLN A 52 9.07 -24.31 11.57
CA GLN A 52 7.85 -23.52 11.50
C GLN A 52 8.02 -22.11 12.04
N GLN A 53 8.59 -21.98 13.23
CA GLN A 53 8.75 -20.65 13.82
C GLN A 53 9.47 -19.71 12.85
N LEU A 54 10.45 -20.24 12.13
CA LEU A 54 11.23 -19.48 11.17
C LEU A 54 10.39 -19.04 9.98
N ALA A 55 9.46 -19.90 9.58
CA ALA A 55 8.60 -19.59 8.43
C ALA A 55 7.59 -18.50 8.79
N LYS A 56 6.98 -18.62 9.96
CA LYS A 56 6.02 -17.64 10.43
C LYS A 56 6.64 -16.25 10.50
N GLU A 57 7.91 -16.20 10.89
CA GLU A 57 8.57 -14.94 11.20
C GLU A 57 9.01 -14.17 9.96
N THR A 58 9.47 -14.90 8.95
CA THR A 58 9.95 -14.20 7.76
C THR A 58 8.79 -13.86 6.83
N SER A 59 7.59 -14.31 7.20
CA SER A 59 6.39 -13.87 6.51
C SER A 59 5.96 -12.54 7.10
N ASN A 60 6.16 -12.38 8.41
CA ASN A 60 5.91 -11.10 9.07
C ASN A 60 6.96 -10.10 8.67
N PHE A 61 8.18 -10.58 8.44
CA PHE A 61 9.22 -9.74 7.91
C PHE A 61 8.86 -9.29 6.51
N GLY A 62 8.29 -10.22 5.75
CA GLY A 62 7.88 -9.96 4.38
C GLY A 62 6.76 -8.93 4.28
N PHE A 63 5.84 -8.95 5.23
CA PHE A 63 4.75 -8.00 5.22
C PHE A 63 5.21 -6.61 5.64
N SER A 64 6.25 -6.55 6.48
CA SER A 64 6.86 -5.27 6.84
C SER A 64 7.54 -4.67 5.63
N LEU A 65 8.21 -5.51 4.85
CA LEU A 65 8.86 -5.07 3.64
C LEU A 65 7.82 -4.54 2.67
N LEU A 66 6.80 -5.36 2.42
CA LEU A 66 5.72 -4.96 1.53
C LEU A 66 5.17 -3.58 1.89
N ARG A 67 5.03 -3.31 3.18
CA ARG A 67 4.49 -2.03 3.64
C ARG A 67 5.42 -0.85 3.35
N LYS A 68 6.71 -1.05 3.56
CA LYS A 68 7.68 0.01 3.28
C LYS A 68 7.69 0.34 1.79
N ILE A 69 7.63 -0.68 0.96
CA ILE A 69 7.56 -0.50 -0.48
C ILE A 69 6.27 0.24 -0.85
N SER A 70 5.15 -0.20 -0.28
CA SER A 70 3.85 0.41 -0.57
C SER A 70 3.81 1.89 -0.21
N MET A 71 4.80 2.33 0.55
CA MET A 71 4.90 3.73 0.94
C MET A 71 5.46 4.54 -0.22
N ARG A 72 6.21 3.86 -1.08
CA ARG A 72 6.93 4.52 -2.18
C ARG A 72 6.16 4.58 -3.49
N HIS A 73 5.12 3.77 -3.62
CA HIS A 73 4.34 3.75 -4.86
C HIS A 73 3.15 2.81 -4.80
N ASP A 74 2.22 3.00 -5.72
CA ASP A 74 0.98 2.23 -5.72
C ASP A 74 0.89 1.24 -6.88
N GLY A 75 1.97 1.12 -7.65
CA GLY A 75 1.96 0.29 -8.85
C GLY A 75 2.04 -1.19 -8.56
N ASN A 76 2.36 -1.98 -9.59
CA ASN A 76 2.60 -3.40 -9.40
C ASN A 76 3.79 -3.59 -8.48
N MET A 77 3.75 -4.66 -7.69
CA MET A 77 4.83 -4.96 -6.75
C MET A 77 5.03 -6.46 -6.65
N VAL A 78 6.28 -6.88 -6.56
CA VAL A 78 6.60 -8.30 -6.36
C VAL A 78 8.02 -8.45 -5.84
N PHE A 79 8.17 -9.26 -4.80
CA PHE A 79 9.49 -9.56 -4.28
C PHE A 79 9.45 -10.84 -3.48
N SER A 80 10.62 -11.32 -3.08
CA SER A 80 10.71 -12.59 -2.37
C SER A 80 11.16 -12.40 -0.92
N PRO A 81 10.22 -12.53 0.02
CA PRO A 81 10.49 -12.49 1.46
C PRO A 81 11.54 -13.53 1.86
N PHE A 82 11.43 -14.73 1.32
CA PHE A 82 12.34 -15.82 1.63
C PHE A 82 13.75 -15.55 1.11
N GLY A 83 13.87 -15.30 -0.19
CA GLY A 83 15.16 -15.03 -0.78
C GLY A 83 15.84 -13.86 -0.10
N MET A 84 15.04 -12.97 0.46
CA MET A 84 15.55 -11.77 1.11
C MET A 84 16.13 -12.07 2.49
N SER A 85 15.42 -12.88 3.26
CA SER A 85 15.94 -13.32 4.57
C SER A 85 17.15 -14.20 4.39
N LEU A 86 17.06 -15.18 3.51
CA LEU A 86 18.18 -16.05 3.20
C LEU A 86 19.45 -15.23 2.94
N ALA A 87 19.36 -14.27 2.04
CA ALA A 87 20.51 -13.43 1.67
C ALA A 87 21.07 -12.63 2.86
N MET A 88 20.19 -11.96 3.59
CA MET A 88 20.60 -11.16 4.74
C MET A 88 21.21 -12.00 5.85
N THR A 89 20.71 -13.22 6.00
CA THR A 89 21.17 -14.13 7.04
C THR A 89 22.62 -14.53 6.82
N GLY A 90 22.99 -14.71 5.55
CA GLY A 90 24.37 -14.99 5.20
C GLY A 90 25.28 -13.92 5.75
N LEU A 91 24.88 -12.66 5.60
CA LEU A 91 25.66 -11.54 6.10
C LEU A 91 25.73 -11.55 7.61
N MET A 92 24.62 -11.92 8.23
CA MET A 92 24.52 -11.94 9.69
C MET A 92 25.54 -12.92 10.25
N LEU A 93 26.04 -13.80 9.39
CA LEU A 93 27.09 -14.74 9.77
C LEU A 93 28.40 -13.98 9.96
N GLY A 94 28.83 -13.28 8.91
CA GLY A 94 30.10 -12.57 8.92
C GLY A 94 30.11 -11.35 9.82
N ALA A 95 28.93 -10.95 10.29
CA ALA A 95 28.82 -9.79 11.17
C ALA A 95 29.10 -10.16 12.62
N THR A 96 29.26 -9.15 13.47
CA THR A 96 29.51 -9.38 14.90
C THR A 96 28.95 -8.24 15.76
N GLY A 97 28.44 -8.59 16.94
CA GLY A 97 27.92 -7.61 17.87
C GLY A 97 26.80 -6.76 17.30
N PRO A 98 26.69 -5.51 17.76
CA PRO A 98 25.67 -4.54 17.36
C PRO A 98 25.16 -4.73 15.93
N THR A 99 26.07 -4.95 14.99
CA THR A 99 25.70 -5.18 13.61
C THR A 99 24.85 -6.45 13.49
N GLU A 100 25.46 -7.60 13.74
CA GLU A 100 24.77 -8.89 13.67
C GLU A 100 23.46 -8.91 14.44
N THR A 101 23.49 -8.42 15.67
CA THR A 101 22.30 -8.39 16.52
C THR A 101 21.15 -7.64 15.83
N GLN A 102 21.45 -6.47 15.27
CA GLN A 102 20.43 -5.63 14.66
C GLN A 102 19.75 -6.29 13.47
N ILE A 103 20.50 -7.09 12.71
CA ILE A 103 19.94 -7.79 11.57
C ILE A 103 18.92 -8.82 12.04
N LYS A 104 19.33 -9.62 13.01
CA LYS A 104 18.47 -10.65 13.59
C LYS A 104 17.14 -10.07 14.07
N ARG A 105 17.19 -8.92 14.73
CA ARG A 105 15.97 -8.29 15.20
C ARG A 105 15.16 -7.78 14.03
N GLY A 106 15.84 -7.21 13.04
CA GLY A 106 15.19 -6.64 11.88
C GLY A 106 14.50 -7.66 11.00
N LEU A 107 14.93 -8.90 11.09
CA LEU A 107 14.32 -9.96 10.29
C LEU A 107 13.24 -10.66 11.07
N HIS A 108 12.80 -10.04 12.16
CA HIS A 108 11.71 -10.56 12.98
C HIS A 108 12.00 -11.94 13.53
N LEU A 109 13.24 -12.19 13.93
CA LEU A 109 13.57 -13.50 14.46
C LEU A 109 14.72 -13.49 15.48
N GLN A 110 14.57 -12.65 16.50
CA GLN A 110 15.49 -12.66 17.62
C GLN A 110 14.97 -13.63 18.66
N ALA A 111 13.78 -14.17 18.40
CA ALA A 111 13.14 -15.11 19.30
C ALA A 111 13.75 -16.50 19.21
N LEU A 112 14.39 -16.81 18.09
CA LEU A 112 15.10 -18.06 17.94
C LEU A 112 16.43 -17.98 18.67
N LYS A 113 16.63 -18.86 19.64
CA LYS A 113 17.81 -18.78 20.50
C LYS A 113 18.72 -20.00 20.35
N PRO A 114 19.45 -20.07 19.23
CA PRO A 114 20.23 -21.25 18.87
C PRO A 114 21.73 -21.09 19.12
N THR A 115 22.46 -22.07 18.63
CA THR A 115 23.91 -22.07 18.70
C THR A 115 24.56 -21.63 17.39
N LYS A 116 25.05 -20.40 17.37
CA LYS A 116 25.83 -19.90 16.24
C LYS A 116 25.19 -19.94 14.85
N PRO A 117 25.83 -20.66 13.92
CA PRO A 117 25.38 -20.67 12.52
C PRO A 117 24.15 -21.49 12.14
N GLY A 118 23.69 -22.36 13.03
CA GLY A 118 22.54 -23.20 12.75
C GLY A 118 21.37 -22.44 12.16
N LEU A 119 21.30 -21.15 12.47
CA LEU A 119 20.22 -20.31 11.97
C LEU A 119 20.18 -20.26 10.45
N LEU A 120 21.35 -20.28 9.83
CA LEU A 120 21.44 -20.16 8.38
C LEU A 120 21.11 -21.47 7.66
N PRO A 121 21.70 -22.60 8.09
CA PRO A 121 21.37 -23.90 7.51
C PRO A 121 19.87 -24.07 7.29
N SER A 122 19.06 -23.58 8.22
CA SER A 122 17.62 -23.60 8.04
C SER A 122 17.26 -22.99 6.70
N LEU A 123 17.70 -21.76 6.48
CA LEU A 123 17.36 -21.02 5.28
C LEU A 123 18.12 -21.53 4.07
N PHE A 124 19.41 -21.80 4.23
CA PHE A 124 20.26 -22.20 3.12
C PHE A 124 19.93 -23.63 2.63
N LYS A 125 19.40 -24.45 3.53
CA LYS A 125 19.05 -25.82 3.18
C LYS A 125 17.59 -25.93 2.74
N GLY A 126 16.79 -24.93 3.12
CA GLY A 126 15.43 -24.83 2.62
C GLY A 126 15.53 -24.50 1.15
N LEU A 127 16.52 -23.68 0.83
CA LEU A 127 16.85 -23.31 -0.54
C LEU A 127 17.19 -24.55 -1.35
N ARG A 128 17.92 -25.48 -0.73
CA ARG A 128 18.32 -26.71 -1.38
C ARG A 128 17.13 -27.61 -1.72
N GLU A 129 16.33 -27.95 -0.71
CA GLU A 129 15.19 -28.85 -0.90
C GLU A 129 14.24 -28.34 -2.00
N THR A 130 14.24 -27.05 -2.24
CA THR A 130 13.35 -26.46 -3.25
C THR A 130 13.92 -26.57 -4.67
N LEU A 131 15.20 -26.24 -4.84
CA LEU A 131 15.83 -26.34 -6.16
C LEU A 131 16.28 -27.74 -6.52
N SER A 132 16.39 -28.60 -5.51
CA SER A 132 16.92 -29.95 -5.71
C SER A 132 16.01 -31.06 -6.26
N ARG A 133 15.15 -31.58 -5.40
CA ARG A 133 14.35 -32.74 -5.70
C ARG A 133 13.05 -32.23 -6.28
N ASN A 134 12.88 -30.91 -6.23
CA ASN A 134 11.67 -30.32 -6.77
C ASN A 134 11.81 -29.68 -8.16
N LEU A 135 11.57 -30.49 -9.18
CA LEU A 135 11.61 -30.01 -10.55
C LEU A 135 10.25 -29.54 -11.00
N GLU A 136 9.22 -30.05 -10.33
CA GLU A 136 7.84 -29.77 -10.69
C GLU A 136 7.53 -28.28 -10.72
N LEU A 137 8.33 -27.51 -9.99
CA LEU A 137 8.10 -26.07 -9.93
C LEU A 137 9.36 -25.29 -10.28
N GLY A 138 9.17 -24.22 -11.04
CA GLY A 138 10.25 -23.35 -11.44
C GLY A 138 11.51 -24.11 -11.74
N LEU A 139 12.61 -23.70 -11.11
CA LEU A 139 12.58 -22.61 -10.16
C LEU A 139 13.95 -21.94 -10.10
N THR A 140 14.26 -21.16 -11.12
CA THR A 140 15.55 -20.49 -11.17
C THR A 140 15.72 -19.59 -9.94
N GLN A 141 16.78 -19.81 -9.19
CA GLN A 141 17.04 -19.01 -7.99
C GLN A 141 18.52 -19.08 -7.66
N GLY A 142 19.07 -17.97 -7.18
CA GLY A 142 20.46 -17.92 -6.80
C GLY A 142 20.87 -16.54 -6.33
N SER A 143 22.09 -16.43 -5.84
CA SER A 143 22.60 -15.13 -5.38
C SER A 143 24.10 -14.99 -5.64
N PHE A 144 24.58 -13.77 -5.55
CA PHE A 144 25.99 -13.48 -5.80
C PHE A 144 26.54 -12.48 -4.78
N ALA A 145 27.82 -12.60 -4.49
CA ALA A 145 28.49 -11.66 -3.61
C ALA A 145 29.74 -11.11 -4.29
N PHE A 146 29.55 -10.08 -5.10
CA PHE A 146 30.66 -9.43 -5.79
C PHE A 146 31.38 -8.47 -4.87
N ILE A 147 32.57 -8.87 -4.44
CA ILE A 147 33.31 -8.15 -3.40
C ILE A 147 34.51 -7.41 -3.97
N HIS A 148 35.11 -6.53 -3.17
CA HIS A 148 36.30 -5.80 -3.59
C HIS A 148 37.50 -6.73 -3.69
N LYS A 149 38.44 -6.43 -4.58
CA LYS A 149 39.56 -7.32 -4.86
C LYS A 149 40.73 -7.15 -3.88
N ASP A 150 40.42 -6.87 -2.62
CA ASP A 150 41.46 -6.71 -1.61
C ASP A 150 41.07 -7.24 -0.24
N PHE A 151 39.80 -7.59 -0.06
CA PHE A 151 39.33 -8.14 1.21
C PHE A 151 40.03 -9.45 1.52
N ASP A 152 40.35 -9.67 2.79
CA ASP A 152 41.10 -10.84 3.24
C ASP A 152 40.32 -12.14 3.07
N VAL A 153 39.13 -12.18 3.66
CA VAL A 153 38.25 -13.35 3.57
C VAL A 153 38.99 -14.63 3.96
N LYS A 154 39.20 -14.81 5.27
CA LYS A 154 39.92 -15.96 5.78
C LYS A 154 39.34 -17.29 5.28
N GLU A 155 40.14 -18.35 5.36
CA GLU A 155 39.68 -19.67 4.94
C GLU A 155 38.56 -20.19 5.83
N THR A 156 38.16 -19.37 6.80
CA THR A 156 37.09 -19.71 7.74
C THR A 156 35.68 -19.42 7.21
N PHE A 157 35.33 -18.14 7.17
CA PHE A 157 34.00 -17.72 6.72
C PHE A 157 33.91 -17.73 5.19
N PHE A 158 34.95 -18.23 4.53
CA PHE A 158 34.95 -18.34 3.07
C PHE A 158 34.55 -19.75 2.64
N ASN A 159 35.05 -20.74 3.37
CA ASN A 159 34.70 -22.14 3.12
C ASN A 159 33.46 -22.54 3.91
N LEU A 160 33.36 -22.04 5.14
CA LEU A 160 32.20 -22.29 5.99
C LEU A 160 30.94 -21.67 5.39
N SER A 161 31.10 -20.48 4.80
CA SER A 161 29.98 -19.78 4.18
C SER A 161 29.62 -20.39 2.83
N LYS A 162 30.62 -20.91 2.12
CA LYS A 162 30.38 -21.59 0.85
C LYS A 162 29.69 -22.92 1.11
N ARG A 163 29.88 -23.45 2.32
CA ARG A 163 29.24 -24.70 2.73
C ARG A 163 27.75 -24.48 3.02
N TYR A 164 27.41 -23.27 3.43
CA TYR A 164 26.02 -22.90 3.69
C TYR A 164 25.42 -22.15 2.50
N PHE A 165 25.92 -20.94 2.26
CA PHE A 165 25.39 -20.07 1.22
C PHE A 165 25.50 -20.64 -0.20
N ASP A 166 26.66 -21.24 -0.50
CA ASP A 166 26.91 -21.80 -1.82
C ASP A 166 26.82 -20.70 -2.88
N THR A 167 27.18 -19.48 -2.49
CA THR A 167 27.12 -18.32 -3.36
C THR A 167 28.52 -17.83 -3.69
N GLU A 168 29.07 -18.31 -4.80
CA GLU A 168 30.44 -17.98 -5.18
C GLU A 168 30.68 -16.46 -5.15
N CYS A 169 31.53 -16.03 -4.23
CA CYS A 169 31.95 -14.63 -4.17
C CYS A 169 32.88 -14.35 -5.33
N VAL A 170 32.97 -13.10 -5.76
CA VAL A 170 33.74 -12.77 -6.95
C VAL A 170 34.45 -11.43 -6.84
N PRO A 171 35.66 -11.43 -6.25
CA PRO A 171 36.44 -10.19 -6.15
C PRO A 171 36.42 -9.41 -7.46
N MET A 172 36.27 -8.10 -7.37
CA MET A 172 36.08 -7.26 -8.55
C MET A 172 36.97 -6.02 -8.56
N ASN A 173 37.12 -5.45 -9.74
CA ASN A 173 37.90 -4.23 -9.93
C ASN A 173 36.98 -3.01 -9.99
N PHE A 174 36.41 -2.65 -8.85
CA PHE A 174 35.48 -1.54 -8.81
C PHE A 174 36.13 -0.21 -9.22
N ARG A 175 37.44 -0.24 -9.41
CA ARG A 175 38.17 0.90 -9.94
C ARG A 175 37.92 1.03 -11.46
N ASN A 176 38.22 -0.04 -12.19
CA ASN A 176 37.89 -0.13 -13.61
C ASN A 176 36.38 -0.35 -13.77
N ALA A 177 35.59 0.53 -13.16
CA ALA A 177 34.14 0.39 -13.11
C ALA A 177 33.50 -0.16 -14.39
N SER A 178 33.90 0.41 -15.53
CA SER A 178 33.34 0.00 -16.81
C SER A 178 33.52 -1.50 -17.04
N GLN A 179 34.72 -2.00 -16.76
CA GLN A 179 35.01 -3.41 -16.91
C GLN A 179 34.22 -4.26 -15.90
N ALA A 180 34.06 -3.72 -14.69
CA ALA A 180 33.37 -4.43 -13.62
C ALA A 180 31.89 -4.67 -13.94
N LYS A 181 31.22 -3.67 -14.50
CA LYS A 181 29.84 -3.81 -14.89
C LYS A 181 29.66 -4.97 -15.85
N ARG A 182 30.40 -4.93 -16.96
CA ARG A 182 30.31 -5.97 -17.98
C ARG A 182 30.44 -7.37 -17.37
N LEU A 183 31.51 -7.58 -16.61
CA LEU A 183 31.76 -8.88 -15.99
C LEU A 183 30.54 -9.41 -15.25
N MET A 184 30.00 -8.61 -14.35
CA MET A 184 28.86 -9.02 -13.53
C MET A 184 27.65 -9.37 -14.39
N ASN A 185 27.18 -8.41 -15.19
CA ASN A 185 26.06 -8.65 -16.09
C ASN A 185 26.21 -9.95 -16.87
N HIS A 186 27.47 -10.30 -17.18
CA HIS A 186 27.76 -11.53 -17.88
C HIS A 186 27.60 -12.72 -16.96
N TYR A 187 28.32 -12.70 -15.83
CA TYR A 187 28.20 -13.75 -14.83
C TYR A 187 26.74 -14.13 -14.60
N ILE A 188 25.90 -13.10 -14.44
CA ILE A 188 24.48 -13.31 -14.20
C ILE A 188 23.79 -13.80 -15.46
N ASN A 189 24.05 -13.13 -16.59
CA ASN A 189 23.49 -13.53 -17.87
C ASN A 189 23.74 -15.01 -18.14
N LYS A 190 24.72 -15.57 -17.44
CA LYS A 190 25.06 -16.98 -17.56
C LYS A 190 24.25 -17.84 -16.59
N GLU A 191 24.55 -17.72 -15.30
CA GLU A 191 23.89 -18.53 -14.28
C GLU A 191 22.37 -18.38 -14.32
N THR A 192 21.90 -17.37 -15.04
CA THR A 192 20.48 -17.08 -15.15
C THR A 192 19.92 -17.61 -16.46
N ARG A 193 20.82 -17.87 -17.41
CA ARG A 193 20.46 -18.33 -18.75
C ARG A 193 19.70 -17.27 -19.55
N GLY A 194 20.25 -16.08 -19.63
CA GLY A 194 19.67 -15.01 -20.42
C GLY A 194 18.35 -14.51 -19.88
N LYS A 195 17.79 -15.23 -18.91
CA LYS A 195 16.54 -14.82 -18.29
C LYS A 195 16.65 -13.40 -17.76
N ILE A 196 17.78 -13.08 -17.14
CA ILE A 196 18.08 -11.72 -16.71
C ILE A 196 19.28 -11.19 -17.47
N PRO A 197 19.02 -10.33 -18.48
CA PRO A 197 20.03 -9.85 -19.42
C PRO A 197 21.13 -8.94 -18.88
N LYS A 198 20.74 -7.72 -18.52
CA LYS A 198 21.67 -6.74 -18.00
C LYS A 198 21.06 -6.22 -16.70
N LEU A 199 21.50 -6.80 -15.58
CA LEU A 199 21.00 -6.41 -14.27
C LEU A 199 21.47 -5.02 -13.86
N PHE A 200 22.76 -4.76 -14.03
CA PHE A 200 23.37 -3.53 -13.55
C PHE A 200 23.41 -2.41 -14.59
N ASP A 201 23.45 -1.17 -14.11
CA ASP A 201 23.62 0.00 -14.97
C ASP A 201 24.89 0.76 -14.63
N GLU A 202 25.00 1.18 -13.37
CA GLU A 202 26.18 1.93 -12.92
C GLU A 202 26.88 1.21 -11.78
N ILE A 203 28.06 1.73 -11.41
CA ILE A 203 28.84 1.20 -10.29
C ILE A 203 29.81 2.27 -9.77
N ASN A 204 29.62 2.72 -8.53
CA ASN A 204 30.53 3.68 -7.94
C ASN A 204 31.95 3.15 -7.91
N PRO A 205 32.92 4.02 -8.17
CA PRO A 205 34.30 3.49 -8.14
C PRO A 205 34.62 2.92 -6.77
N GLU A 206 34.05 3.52 -5.72
CA GLU A 206 34.32 3.09 -4.34
C GLU A 206 33.23 2.17 -3.81
N THR A 207 33.11 0.98 -4.40
CA THR A 207 32.07 0.03 -4.00
C THR A 207 32.68 -1.18 -3.29
N LYS A 208 32.60 -1.18 -1.97
CA LYS A 208 33.17 -2.26 -1.17
C LYS A 208 32.56 -3.63 -1.50
N LEU A 209 31.23 -3.71 -1.52
CA LEU A 209 30.57 -5.00 -1.67
C LEU A 209 29.13 -4.88 -2.17
N ILE A 210 28.81 -5.62 -3.21
CA ILE A 210 27.46 -5.66 -3.75
C ILE A 210 26.87 -7.05 -3.64
N LEU A 211 25.61 -7.13 -3.27
CA LEU A 211 24.96 -8.41 -3.03
C LEU A 211 23.67 -8.50 -3.84
N VAL A 212 23.59 -9.48 -4.73
CA VAL A 212 22.40 -9.66 -5.54
C VAL A 212 21.69 -10.97 -5.20
N ASP A 213 20.39 -11.00 -5.47
CA ASP A 213 19.59 -12.20 -5.29
C ASP A 213 18.48 -12.17 -6.32
N TYR A 214 18.37 -13.23 -7.11
CA TYR A 214 17.32 -13.31 -8.11
C TYR A 214 16.47 -14.54 -7.90
N ILE A 215 15.25 -14.49 -8.41
CA ILE A 215 14.35 -15.63 -8.34
C ILE A 215 13.26 -15.54 -9.40
N LEU A 216 13.21 -16.55 -10.26
CA LEU A 216 12.27 -16.59 -11.36
C LEU A 216 11.32 -17.75 -11.16
N PHE A 217 10.05 -17.55 -11.53
CA PHE A 217 9.05 -18.59 -11.33
C PHE A 217 7.81 -18.54 -12.22
N LYS A 218 7.41 -19.74 -12.65
CA LYS A 218 6.28 -19.98 -13.53
C LYS A 218 6.23 -21.49 -13.40
N GLY A 219 5.10 -22.00 -12.95
CA GLY A 219 4.98 -23.41 -12.64
C GLY A 219 3.91 -24.08 -13.46
N LYS A 220 3.62 -25.32 -13.07
CA LYS A 220 2.63 -26.14 -13.73
C LYS A 220 1.38 -26.10 -12.86
N TRP A 221 0.29 -25.60 -13.39
CA TRP A 221 -0.93 -25.55 -12.61
C TRP A 221 -1.36 -26.97 -12.28
N LEU A 222 -2.01 -27.12 -11.12
CA LEU A 222 -2.61 -28.39 -10.76
C LEU A 222 -3.82 -28.60 -11.66
N THR A 223 -4.41 -27.50 -12.11
CA THR A 223 -5.56 -27.52 -13.01
C THR A 223 -5.46 -26.34 -13.98
N PRO A 224 -4.74 -26.52 -15.09
CA PRO A 224 -4.48 -25.44 -16.05
C PRO A 224 -5.75 -24.93 -16.70
N PHE A 225 -5.73 -23.67 -17.15
CA PHE A 225 -6.91 -23.03 -17.70
C PHE A 225 -7.11 -23.35 -19.18
N ASP A 226 -8.36 -23.46 -19.59
CA ASP A 226 -8.71 -23.77 -20.98
C ASP A 226 -8.68 -22.51 -21.85
N PRO A 227 -7.69 -22.42 -22.76
CA PRO A 227 -7.43 -21.22 -23.58
C PRO A 227 -8.57 -20.93 -24.54
N VAL A 228 -9.48 -21.89 -24.69
CA VAL A 228 -10.66 -21.70 -25.51
C VAL A 228 -11.58 -20.71 -24.83
N PHE A 229 -11.46 -20.60 -23.51
CA PHE A 229 -12.36 -19.78 -22.71
C PHE A 229 -11.78 -18.43 -22.30
N THR A 230 -10.48 -18.22 -22.51
CA THR A 230 -9.89 -16.94 -22.14
C THR A 230 -10.25 -15.89 -23.18
N GLU A 231 -10.77 -14.76 -22.70
CA GLU A 231 -11.27 -13.70 -23.56
C GLU A 231 -10.82 -12.34 -23.04
N VAL A 232 -10.66 -11.37 -23.93
CA VAL A 232 -10.34 -10.01 -23.50
C VAL A 232 -11.49 -9.39 -22.73
N ASP A 233 -11.24 -9.06 -21.46
CA ASP A 233 -12.30 -8.60 -20.57
C ASP A 233 -11.97 -7.27 -19.92
N THR A 234 -12.96 -6.71 -19.23
CA THR A 234 -12.82 -5.41 -18.57
C THR A 234 -12.13 -5.53 -17.21
N PHE A 235 -11.13 -4.70 -16.98
CA PHE A 235 -10.41 -4.71 -15.71
C PHE A 235 -10.30 -3.31 -15.11
N HIS A 236 -11.08 -3.05 -14.06
CA HIS A 236 -11.12 -1.73 -13.44
C HIS A 236 -9.84 -1.35 -12.71
N LEU A 237 -8.95 -0.65 -13.41
CA LEU A 237 -7.70 -0.17 -12.82
C LEU A 237 -7.97 0.66 -11.56
N ASP A 238 -9.21 1.15 -11.48
CA ASP A 238 -9.77 1.81 -10.29
C ASP A 238 -11.17 2.29 -10.66
N LYS A 239 -11.92 2.77 -9.68
CA LYS A 239 -13.34 3.04 -9.91
C LYS A 239 -13.63 3.97 -11.09
N TYR A 240 -12.67 4.81 -11.45
CA TYR A 240 -12.89 5.83 -12.46
C TYR A 240 -12.15 5.59 -13.77
N LYS A 241 -11.17 4.68 -13.73
CA LYS A 241 -10.44 4.29 -14.94
C LYS A 241 -10.46 2.78 -15.13
N THR A 242 -10.72 2.33 -16.35
CA THR A 242 -10.75 0.90 -16.65
C THR A 242 -10.05 0.60 -17.98
N ILE A 243 -9.55 -0.62 -18.12
CA ILE A 243 -8.90 -1.05 -19.36
C ILE A 243 -9.37 -2.43 -19.80
N LYS A 244 -8.75 -2.94 -20.86
CA LYS A 244 -9.09 -4.25 -21.39
C LYS A 244 -7.91 -5.21 -21.27
N VAL A 245 -8.15 -6.35 -20.65
CA VAL A 245 -7.08 -7.34 -20.46
C VAL A 245 -7.59 -8.75 -20.73
N PRO A 246 -6.70 -9.62 -21.25
CA PRO A 246 -6.94 -11.05 -21.42
C PRO A 246 -7.32 -11.71 -20.09
N MET A 247 -8.50 -12.33 -20.05
CA MET A 247 -9.00 -12.89 -18.79
C MET A 247 -9.18 -14.41 -18.85
N MET A 248 -8.22 -15.14 -18.28
CA MET A 248 -8.29 -16.61 -18.19
C MET A 248 -9.51 -17.06 -17.41
N TYR A 249 -10.12 -18.15 -17.87
CA TYR A 249 -11.30 -18.70 -17.20
C TYR A 249 -11.06 -20.13 -16.76
N GLY A 250 -11.60 -20.46 -15.59
CA GLY A 250 -11.48 -21.81 -15.05
C GLY A 250 -12.66 -22.16 -14.17
N ALA A 251 -13.10 -23.42 -14.26
CA ALA A 251 -14.17 -23.90 -13.39
C ALA A 251 -13.78 -25.22 -12.73
N GLY A 252 -14.59 -25.66 -11.78
CA GLY A 252 -14.30 -26.87 -11.04
C GLY A 252 -14.12 -26.61 -9.56
N LYS A 253 -13.33 -27.45 -8.90
CA LYS A 253 -13.15 -27.35 -7.46
C LYS A 253 -11.96 -26.47 -7.08
N PHE A 254 -12.24 -25.43 -6.30
CA PHE A 254 -11.23 -24.56 -5.74
C PHE A 254 -11.45 -24.41 -4.24
N ALA A 255 -10.39 -24.11 -3.51
CA ALA A 255 -10.52 -23.82 -2.09
C ALA A 255 -10.50 -22.31 -1.89
N SER A 256 -11.47 -21.80 -1.13
CA SER A 256 -11.61 -20.35 -0.96
C SER A 256 -12.26 -20.02 0.37
N THR A 257 -12.28 -18.73 0.69
CA THR A 257 -12.90 -18.25 1.92
C THR A 257 -13.12 -16.74 1.83
N PHE A 258 -14.15 -16.26 2.50
CA PHE A 258 -14.46 -14.84 2.49
C PHE A 258 -14.39 -14.27 3.90
N ASP A 259 -13.40 -13.43 4.15
CA ASP A 259 -13.24 -12.82 5.46
C ASP A 259 -14.27 -11.71 5.66
N LYS A 260 -15.29 -12.00 6.45
CA LYS A 260 -16.41 -11.07 6.61
C LYS A 260 -16.04 -9.80 7.36
N ASN A 261 -14.90 -9.81 8.05
CA ASN A 261 -14.46 -8.62 8.75
C ASN A 261 -13.93 -7.55 7.79
N PHE A 262 -12.87 -7.87 7.06
CA PHE A 262 -12.30 -6.94 6.10
C PHE A 262 -13.01 -7.04 4.75
N ARG A 263 -13.87 -8.03 4.63
CA ARG A 263 -14.69 -8.19 3.44
C ARG A 263 -13.87 -8.45 2.18
N CYS A 264 -13.17 -9.58 2.15
CA CYS A 264 -12.37 -9.95 0.99
C CYS A 264 -12.37 -11.46 0.71
N HIS A 265 -12.19 -11.80 -0.56
CA HIS A 265 -12.09 -13.19 -0.98
C HIS A 265 -10.66 -13.69 -0.93
N VAL A 266 -10.50 -14.93 -0.49
CA VAL A 266 -9.19 -15.56 -0.47
C VAL A 266 -9.26 -16.86 -1.27
N LEU A 267 -8.41 -16.97 -2.28
CA LEU A 267 -8.50 -18.08 -3.22
C LEU A 267 -7.17 -18.83 -3.37
N LYS A 268 -7.22 -20.15 -3.27
CA LYS A 268 -6.05 -20.99 -3.42
C LYS A 268 -5.92 -21.53 -4.83
N LEU A 269 -4.88 -21.11 -5.55
CA LEU A 269 -4.57 -21.71 -6.85
C LEU A 269 -3.35 -22.60 -6.72
N PRO A 270 -3.57 -23.91 -6.63
CA PRO A 270 -2.51 -24.90 -6.42
C PRO A 270 -1.60 -25.08 -7.63
N TYR A 271 -0.30 -25.04 -7.41
CA TYR A 271 0.69 -25.40 -8.41
C TYR A 271 1.09 -26.85 -8.20
N GLN A 272 1.95 -27.36 -9.09
CA GLN A 272 2.50 -28.69 -8.92
C GLN A 272 3.81 -28.60 -8.15
N GLY A 273 3.96 -29.49 -7.17
CA GLY A 273 5.16 -29.51 -6.35
C GLY A 273 4.89 -28.94 -4.96
N ASN A 274 3.63 -28.93 -4.58
CA ASN A 274 3.22 -28.37 -3.29
C ASN A 274 3.66 -26.92 -3.12
N ALA A 275 3.39 -26.12 -4.14
CA ALA A 275 3.50 -24.67 -4.06
C ALA A 275 2.11 -24.14 -4.31
N THR A 276 1.74 -23.05 -3.64
CA THR A 276 0.39 -22.52 -3.78
C THR A 276 0.37 -21.01 -3.93
N MET A 277 -0.69 -20.51 -4.53
CA MET A 277 -0.86 -19.08 -4.70
C MET A 277 -2.16 -18.59 -4.06
N LEU A 278 -2.02 -17.75 -3.05
CA LEU A 278 -3.17 -17.13 -2.42
C LEU A 278 -3.50 -15.82 -3.12
N VAL A 279 -4.75 -15.68 -3.54
CA VAL A 279 -5.21 -14.46 -4.18
C VAL A 279 -6.19 -13.75 -3.26
N VAL A 280 -5.85 -12.53 -2.88
CA VAL A 280 -6.70 -11.76 -1.99
C VAL A 280 -7.42 -10.66 -2.75
N LEU A 281 -8.74 -10.73 -2.77
CA LEU A 281 -9.56 -9.81 -3.54
C LEU A 281 -10.59 -9.11 -2.67
N MET A 282 -10.37 -7.83 -2.38
CA MET A 282 -11.30 -7.05 -1.57
C MET A 282 -12.65 -6.96 -2.25
N GLU A 283 -13.71 -6.83 -1.46
CA GLU A 283 -15.04 -6.63 -2.01
C GLU A 283 -15.00 -5.46 -2.97
N LYS A 284 -16.09 -5.22 -3.70
CA LYS A 284 -16.10 -4.21 -4.76
C LYS A 284 -15.72 -2.80 -4.28
N MET A 285 -16.33 -2.34 -3.19
CA MET A 285 -16.07 -0.99 -2.71
C MET A 285 -14.67 -0.78 -2.13
N GLY A 286 -14.35 -1.50 -1.06
CA GLY A 286 -13.09 -1.32 -0.36
C GLY A 286 -11.83 -1.30 -1.18
N ASP A 287 -10.82 -0.56 -0.72
CA ASP A 287 -9.54 -0.52 -1.41
C ASP A 287 -8.52 -1.54 -0.91
N HIS A 288 -7.74 -2.06 -1.84
CA HIS A 288 -6.76 -3.10 -1.56
C HIS A 288 -5.61 -2.57 -0.73
N LEU A 289 -5.34 -1.28 -0.86
CA LEU A 289 -4.22 -0.66 -0.18
C LEU A 289 -4.42 -0.66 1.34
N ALA A 290 -5.69 -0.66 1.77
CA ALA A 290 -6.01 -0.61 3.18
C ALA A 290 -5.62 -1.91 3.87
N LEU A 291 -5.88 -3.02 3.19
CA LEU A 291 -5.63 -4.35 3.76
C LEU A 291 -4.18 -4.58 4.13
N GLU A 292 -3.26 -3.92 3.45
CA GLU A 292 -1.84 -4.12 3.70
C GLU A 292 -1.45 -3.84 5.16
N ASP A 293 -2.10 -2.86 5.77
CA ASP A 293 -1.80 -2.48 7.15
C ASP A 293 -2.17 -3.58 8.12
N TYR A 294 -3.03 -4.50 7.67
CA TYR A 294 -3.56 -5.53 8.55
C TYR A 294 -2.99 -6.92 8.28
N LEU A 295 -2.10 -7.02 7.28
CA LEU A 295 -1.50 -8.31 6.93
C LEU A 295 -0.50 -8.79 7.97
N THR A 296 -0.87 -9.87 8.66
CA THR A 296 0.02 -10.53 9.59
C THR A 296 -0.02 -12.01 9.31
N THR A 297 0.99 -12.75 9.75
CA THR A 297 1.03 -14.18 9.55
C THR A 297 -0.15 -14.85 10.22
N ASP A 298 -0.56 -14.30 11.36
CA ASP A 298 -1.68 -14.83 12.10
C ASP A 298 -2.97 -14.73 11.30
N LEU A 299 -3.17 -13.59 10.65
CA LEU A 299 -4.36 -13.38 9.83
C LEU A 299 -4.38 -14.38 8.70
N VAL A 300 -3.30 -14.41 7.94
CA VAL A 300 -3.20 -15.29 6.78
C VAL A 300 -3.56 -16.72 7.13
N GLU A 301 -3.09 -17.20 8.29
CA GLU A 301 -3.34 -18.59 8.64
C GLU A 301 -4.72 -18.85 9.26
N THR A 302 -5.31 -17.79 9.79
CA THR A 302 -6.64 -17.88 10.38
C THR A 302 -7.66 -18.06 9.27
N TRP A 303 -7.37 -17.52 8.09
CA TRP A 303 -8.30 -17.67 6.98
C TRP A 303 -7.78 -18.71 6.00
N LEU A 304 -6.64 -19.30 6.34
CA LEU A 304 -6.18 -20.50 5.66
C LEU A 304 -6.91 -21.71 6.21
N ARG A 305 -7.28 -21.63 7.48
CA ARG A 305 -7.93 -22.73 8.17
C ARG A 305 -9.42 -22.70 7.92
N ASN A 306 -9.94 -21.52 7.63
CA ASN A 306 -11.35 -21.38 7.28
C ASN A 306 -11.58 -21.65 5.80
N MET A 307 -10.53 -22.12 5.14
CA MET A 307 -10.63 -22.54 3.75
C MET A 307 -11.63 -23.67 3.58
N LYS A 308 -12.45 -23.56 2.53
CA LYS A 308 -13.44 -24.58 2.23
C LYS A 308 -13.42 -24.87 0.73
N THR A 309 -13.14 -26.12 0.37
CA THR A 309 -13.07 -26.51 -1.03
C THR A 309 -14.46 -26.80 -1.61
N ARG A 310 -14.74 -26.26 -2.79
CA ARG A 310 -16.06 -26.38 -3.38
C ARG A 310 -16.01 -26.05 -4.87
N ASN A 311 -17.14 -26.24 -5.55
CA ASN A 311 -17.22 -26.00 -6.98
C ASN A 311 -17.51 -24.52 -7.27
N MET A 312 -16.74 -23.92 -8.16
CA MET A 312 -16.93 -22.51 -8.47
C MET A 312 -16.26 -22.08 -9.78
N GLU A 313 -16.70 -20.93 -10.30
CA GLU A 313 -16.11 -20.35 -11.49
C GLU A 313 -15.14 -19.26 -11.11
N VAL A 314 -14.04 -19.14 -11.85
CA VAL A 314 -13.02 -18.16 -11.53
C VAL A 314 -12.50 -17.45 -12.78
N PHE A 315 -12.49 -16.13 -12.77
CA PHE A 315 -11.86 -15.37 -13.85
C PHE A 315 -10.59 -14.75 -13.34
N PHE A 316 -9.48 -15.00 -14.02
CA PHE A 316 -8.17 -14.56 -13.55
C PHE A 316 -7.33 -14.00 -14.69
N PRO A 317 -6.72 -12.82 -14.48
CA PRO A 317 -6.00 -12.09 -15.53
C PRO A 317 -4.57 -12.56 -15.74
N LYS A 318 -4.19 -12.84 -16.98
CA LYS A 318 -2.79 -13.11 -17.30
C LYS A 318 -1.96 -11.92 -16.86
N PHE A 319 -0.75 -12.17 -16.39
CA PHE A 319 0.19 -11.10 -16.14
C PHE A 319 1.62 -11.59 -16.01
N LYS A 320 2.54 -10.63 -15.86
CA LYS A 320 3.95 -10.94 -15.70
C LYS A 320 4.66 -9.79 -15.03
N LEU A 321 5.06 -9.98 -13.77
CA LEU A 321 5.76 -8.96 -13.02
C LEU A 321 7.25 -9.22 -13.03
N ASP A 322 8.02 -8.18 -13.34
CA ASP A 322 9.47 -8.25 -13.26
C ASP A 322 9.97 -6.95 -12.61
N GLN A 323 10.65 -7.08 -11.47
CA GLN A 323 11.08 -5.90 -10.72
C GLN A 323 12.41 -6.10 -10.00
N LYS A 324 13.21 -5.04 -9.97
CA LYS A 324 14.43 -5.02 -9.19
C LYS A 324 14.34 -3.95 -8.12
N TYR A 325 14.68 -4.30 -6.88
CA TYR A 325 14.64 -3.36 -5.79
C TYR A 325 16.02 -3.19 -5.15
N GLU A 326 16.40 -1.95 -4.88
CA GLU A 326 17.60 -1.69 -4.11
C GLU A 326 17.28 -1.92 -2.64
N MET A 327 17.21 -3.20 -2.26
CA MET A 327 16.73 -3.60 -0.94
C MET A 327 17.37 -2.87 0.23
N HIS A 328 18.66 -2.54 0.12
CA HIS A 328 19.35 -1.91 1.23
C HIS A 328 18.73 -0.57 1.63
N GLU A 329 18.26 0.20 0.64
CA GLU A 329 17.58 1.45 0.91
C GLU A 329 16.33 1.23 1.77
N LEU A 330 15.62 0.14 1.49
CA LEU A 330 14.40 -0.21 2.22
C LEU A 330 14.71 -0.81 3.60
N LEU A 331 15.69 -1.70 3.64
CA LEU A 331 16.09 -2.34 4.90
C LEU A 331 16.68 -1.31 5.87
N ARG A 332 17.08 -0.16 5.34
CA ARG A 332 17.50 0.94 6.19
C ARG A 332 16.29 1.55 6.89
N GLN A 333 15.26 1.87 6.11
CA GLN A 333 14.05 2.46 6.66
C GLN A 333 13.39 1.51 7.66
N MET A 334 13.72 0.23 7.58
CA MET A 334 13.14 -0.77 8.46
C MET A 334 13.95 -0.99 9.73
N GLY A 335 15.14 -0.41 9.81
CA GLY A 335 15.93 -0.47 11.01
C GLY A 335 17.30 -1.11 10.84
N ILE A 336 17.45 -1.91 9.80
CA ILE A 336 18.76 -2.50 9.52
C ILE A 336 19.63 -1.44 8.85
N ARG A 337 20.41 -0.74 9.66
CA ARG A 337 21.20 0.38 9.19
C ARG A 337 22.70 0.15 9.30
N ARG A 338 23.14 -0.40 10.42
CA ARG A 338 24.56 -0.47 10.73
C ARG A 338 25.40 -1.22 9.70
N ILE A 339 24.85 -2.28 9.12
CA ILE A 339 25.62 -3.08 8.17
C ILE A 339 25.76 -2.40 6.80
N PHE A 340 25.07 -1.27 6.63
CA PHE A 340 25.18 -0.49 5.40
C PHE A 340 25.90 0.82 5.67
N SER A 341 26.49 0.93 6.85
CA SER A 341 27.15 2.18 7.26
C SER A 341 28.61 1.93 7.64
N PRO A 342 29.44 2.98 7.54
CA PRO A 342 30.89 2.90 7.79
C PRO A 342 31.22 2.04 9.01
N PHE A 343 30.60 2.31 10.14
CA PHE A 343 30.92 1.58 11.37
C PHE A 343 30.16 0.25 11.50
N ALA A 344 30.31 -0.60 10.48
CA ALA A 344 29.77 -1.95 10.52
C ALA A 344 30.89 -2.93 10.79
N ASP A 345 30.61 -3.98 11.55
CA ASP A 345 31.65 -4.92 11.92
C ASP A 345 31.58 -6.21 11.10
N LEU A 346 32.21 -6.21 9.93
CA LEU A 346 32.36 -7.42 9.14
C LEU A 346 33.74 -8.01 9.41
N SER A 347 34.29 -7.71 10.58
CA SER A 347 35.61 -8.19 10.97
C SER A 347 35.77 -9.68 10.69
N GLU A 348 34.74 -10.46 11.01
CA GLU A 348 34.78 -11.91 10.79
C GLU A 348 34.95 -12.25 9.30
N LEU A 349 34.26 -11.51 8.44
CA LEU A 349 34.35 -11.72 7.00
C LEU A 349 35.76 -11.42 6.46
N SER A 350 36.14 -10.15 6.46
CA SER A 350 37.45 -9.71 5.98
C SER A 350 38.09 -8.69 6.92
N ALA A 351 39.04 -9.15 7.73
CA ALA A 351 39.65 -8.29 8.76
C ALA A 351 40.30 -7.00 8.26
N THR A 352 40.64 -6.98 6.97
CA THR A 352 41.24 -5.81 6.32
C THR A 352 40.36 -4.60 6.60
N GLY A 353 40.92 -3.64 7.34
CA GLY A 353 40.16 -2.47 7.77
C GLY A 353 40.39 -1.12 7.12
N ARG A 354 39.50 -0.79 6.19
CA ARG A 354 39.48 0.54 5.58
C ARG A 354 38.08 1.05 5.85
N ASN A 355 37.15 0.63 5.00
CA ASN A 355 35.73 0.89 5.19
C ASN A 355 34.84 -0.17 4.52
N LEU A 356 35.01 -1.41 4.97
CA LEU A 356 34.24 -2.52 4.44
C LEU A 356 32.81 -2.49 4.96
N GLN A 357 31.87 -2.71 4.06
CA GLN A 357 30.46 -2.69 4.42
C GLN A 357 29.67 -3.02 3.17
N VAL A 358 28.52 -3.65 3.33
CA VAL A 358 27.65 -3.88 2.19
C VAL A 358 27.31 -2.53 1.57
N SER A 359 27.55 -2.39 0.28
CA SER A 359 27.29 -1.14 -0.42
C SER A 359 25.92 -1.17 -1.10
N ARG A 360 25.63 -2.27 -1.77
CA ARG A 360 24.32 -2.44 -2.40
C ARG A 360 23.78 -3.84 -2.18
N VAL A 361 22.47 -3.91 -1.96
CA VAL A 361 21.75 -5.17 -1.96
C VAL A 361 20.60 -5.00 -2.90
N LEU A 362 20.54 -5.81 -3.95
CA LEU A 362 19.45 -5.70 -4.90
C LEU A 362 18.88 -7.05 -5.29
N GLN A 363 17.57 -7.14 -5.24
CA GLN A 363 16.87 -8.36 -5.62
C GLN A 363 16.07 -8.12 -6.87
N ARG A 364 16.31 -8.96 -7.87
CA ARG A 364 15.54 -8.96 -9.09
C ARG A 364 14.69 -10.20 -9.03
N THR A 365 13.42 -10.07 -9.34
CA THR A 365 12.51 -11.19 -9.26
C THR A 365 11.50 -11.15 -10.39
N VAL A 366 11.25 -12.29 -11.00
CA VAL A 366 10.31 -12.36 -12.12
C VAL A 366 9.30 -13.47 -11.89
N ILE A 367 8.06 -13.20 -12.25
CA ILE A 367 7.01 -14.19 -12.08
C ILE A 367 5.96 -13.97 -13.16
N GLU A 368 5.61 -15.04 -13.86
CA GLU A 368 4.64 -14.96 -14.95
C GLU A 368 3.52 -15.97 -14.80
N VAL A 369 2.32 -15.59 -15.22
CA VAL A 369 1.18 -16.50 -15.14
C VAL A 369 0.27 -16.49 -16.37
N ASP A 370 0.39 -17.54 -17.20
CA ASP A 370 -0.47 -17.71 -18.36
C ASP A 370 -1.35 -18.88 -17.91
N GLU A 371 -1.92 -19.62 -18.85
CA GLU A 371 -2.73 -20.78 -18.45
C GLU A 371 -2.09 -22.16 -18.53
N ARG A 372 -0.89 -22.24 -19.10
CA ARG A 372 -0.18 -23.52 -19.16
C ARG A 372 1.07 -23.58 -18.27
N GLY A 373 1.72 -22.44 -18.10
CA GLY A 373 2.90 -22.37 -17.28
C GLY A 373 4.13 -22.85 -18.01
N THR A 374 4.84 -23.80 -17.42
CA THR A 374 6.00 -24.39 -18.05
C THR A 374 5.61 -25.55 -18.97
N GLU A 375 4.38 -26.01 -18.84
CA GLU A 375 3.84 -27.05 -19.72
C GLU A 375 3.64 -26.52 -21.13
N ALA A 376 3.83 -27.37 -22.13
CA ALA A 376 3.81 -26.93 -23.53
C ALA A 376 2.41 -26.79 -24.11
N VAL A 377 1.46 -27.54 -23.56
CA VAL A 377 0.05 -27.41 -23.94
C VAL A 377 -0.74 -26.97 -22.72
N ALA A 378 -1.85 -26.25 -22.94
CA ALA A 378 -2.69 -25.78 -21.84
C ALA A 378 -3.69 -26.85 -21.41
N GLY A 379 -4.76 -26.42 -20.74
CA GLY A 379 -5.68 -27.36 -20.11
C GLY A 379 -6.99 -27.58 -20.83
N ILE A 380 -7.78 -28.52 -20.32
CA ILE A 380 -9.07 -28.89 -20.92
C ILE A 380 -10.20 -28.82 -19.91
N LEU A 381 -11.26 -28.11 -20.27
CA LEU A 381 -12.41 -27.95 -19.39
C LEU A 381 -13.52 -28.95 -19.70
N SER A 382 -13.89 -29.74 -18.71
CA SER A 382 -15.03 -30.64 -18.81
C SER A 382 -16.00 -30.36 -17.66
N GLU A 383 -17.24 -30.00 -17.99
CA GLU A 383 -18.19 -29.53 -17.00
C GLU A 383 -19.04 -30.65 -16.39
N ILE A 384 -18.70 -31.05 -15.17
CA ILE A 384 -19.49 -32.03 -14.42
C ILE A 384 -19.44 -31.73 -12.92
N THR A 385 -20.51 -31.13 -12.41
CA THR A 385 -20.58 -30.76 -10.99
C THR A 385 -21.78 -31.35 -10.25
N ALA A 386 -23.00 -31.06 -10.71
CA ALA A 386 -23.26 -30.25 -11.89
C ALA A 386 -24.37 -29.24 -11.62
N TYR A 387 -24.13 -28.00 -12.01
CA TYR A 387 -25.12 -26.94 -11.81
C TYR A 387 -24.79 -25.70 -12.66
N SER A 388 -25.78 -24.82 -12.80
CA SER A 388 -25.60 -23.58 -13.55
C SER A 388 -25.71 -22.37 -12.62
N MET A 389 -25.48 -22.61 -11.32
CA MET A 389 -25.54 -21.55 -10.32
C MET A 389 -24.43 -21.63 -9.27
N PRO A 390 -23.22 -22.08 -9.66
CA PRO A 390 -22.15 -22.15 -8.67
C PRO A 390 -21.57 -20.76 -8.43
N PRO A 391 -20.95 -20.55 -7.26
CA PRO A 391 -20.32 -19.28 -6.90
C PRO A 391 -19.35 -18.81 -7.96
N VAL A 392 -19.30 -17.50 -8.19
CA VAL A 392 -18.38 -16.91 -9.16
C VAL A 392 -17.38 -16.02 -8.44
N ILE A 393 -16.23 -15.80 -9.06
CA ILE A 393 -15.22 -14.92 -8.48
C ILE A 393 -14.30 -14.30 -9.55
N LYS A 394 -14.64 -13.07 -9.95
CA LYS A 394 -13.89 -12.34 -10.97
C LYS A 394 -12.80 -11.50 -10.34
N VAL A 395 -11.56 -11.74 -10.75
CA VAL A 395 -10.45 -10.90 -10.35
C VAL A 395 -10.30 -9.77 -11.37
N ASP A 396 -11.19 -8.79 -11.30
CA ASP A 396 -11.16 -7.67 -12.24
C ASP A 396 -10.78 -6.33 -11.60
N ARG A 397 -10.35 -6.39 -10.34
CA ARG A 397 -9.81 -5.25 -9.61
C ARG A 397 -8.38 -5.58 -9.24
N PRO A 398 -7.61 -4.59 -8.76
CA PRO A 398 -6.29 -4.90 -8.22
C PRO A 398 -6.37 -5.88 -7.04
N PHE A 399 -5.32 -6.67 -6.85
CA PHE A 399 -5.34 -7.71 -5.83
C PHE A 399 -3.95 -8.02 -5.32
N HIS A 400 -3.88 -8.70 -4.19
CA HIS A 400 -2.60 -9.18 -3.67
C HIS A 400 -2.48 -10.67 -3.90
N PHE A 401 -1.25 -11.15 -4.00
CA PHE A 401 -1.01 -12.58 -4.16
C PHE A 401 0.24 -13.01 -3.39
N MET A 402 0.16 -14.20 -2.79
CA MET A 402 1.30 -14.77 -2.08
C MET A 402 1.62 -16.13 -2.67
N ILE A 403 2.89 -16.50 -2.67
CA ILE A 403 3.30 -17.81 -3.16
C ILE A 403 4.18 -18.52 -2.13
N TYR A 404 3.64 -19.58 -1.53
CA TYR A 404 4.34 -20.30 -0.50
C TYR A 404 4.41 -21.81 -0.77
N GLU A 405 5.42 -22.46 -0.21
CA GLU A 405 5.59 -23.91 -0.33
C GLU A 405 4.79 -24.62 0.76
N GLU A 406 3.68 -25.24 0.38
CA GLU A 406 2.81 -25.91 1.34
C GLU A 406 3.58 -26.76 2.35
N THR A 407 4.70 -27.31 1.91
CA THR A 407 5.52 -28.16 2.77
C THR A 407 6.05 -27.40 3.99
N SER A 408 6.75 -26.30 3.73
CA SER A 408 7.42 -25.53 4.79
C SER A 408 6.57 -24.37 5.31
N GLY A 409 5.74 -23.81 4.44
CA GLY A 409 4.94 -22.65 4.76
C GLY A 409 5.71 -21.37 4.49
N MET A 410 6.85 -21.52 3.83
CA MET A 410 7.75 -20.40 3.58
C MET A 410 7.23 -19.53 2.44
N LEU A 411 7.29 -18.21 2.62
CA LEU A 411 6.80 -17.27 1.62
C LEU A 411 7.79 -17.04 0.47
N LEU A 412 7.50 -17.61 -0.69
CA LEU A 412 8.37 -17.44 -1.86
C LEU A 412 8.18 -16.10 -2.56
N PHE A 413 6.92 -15.68 -2.69
CA PHE A 413 6.57 -14.49 -3.45
C PHE A 413 5.47 -13.68 -2.82
N LEU A 414 5.79 -12.43 -2.50
CA LEU A 414 4.80 -11.47 -2.05
C LEU A 414 4.58 -10.45 -3.15
N GLY A 415 3.34 -10.30 -3.59
CA GLY A 415 3.05 -9.42 -4.70
C GLY A 415 1.73 -8.67 -4.67
N ARG A 416 1.62 -7.71 -5.59
CA ARG A 416 0.42 -6.93 -5.76
C ARG A 416 0.27 -6.56 -7.23
N VAL A 417 -0.88 -6.86 -7.80
CA VAL A 417 -1.14 -6.56 -9.20
C VAL A 417 -2.22 -5.49 -9.33
N VAL A 418 -1.81 -4.26 -9.65
CA VAL A 418 -2.75 -3.18 -9.88
C VAL A 418 -3.06 -3.00 -11.37
N ASN A 419 -2.03 -3.18 -12.21
CA ASN A 419 -2.22 -3.09 -13.64
C ASN A 419 -1.62 -4.30 -14.37
N PRO A 420 -2.49 -5.24 -14.79
CA PRO A 420 -2.05 -6.49 -15.43
C PRO A 420 -1.36 -6.25 -16.77
N THR A 421 -1.49 -5.04 -17.30
CA THR A 421 -1.00 -4.73 -18.65
C THR A 421 0.50 -4.48 -18.72
N LEU A 422 1.07 -3.84 -17.70
CA LEU A 422 2.51 -3.58 -17.70
C LEU A 422 3.26 -4.43 -16.69
N LEU A 423 4.59 -4.33 -16.72
CA LEU A 423 5.42 -5.10 -15.80
C LEU A 423 6.16 -6.22 -16.53
N SER B 6 -21.19 26.85 -39.05
CA SER B 6 -21.65 26.55 -37.70
C SER B 6 -22.91 25.69 -37.71
N PRO B 7 -23.09 24.86 -36.68
CA PRO B 7 -22.16 24.68 -35.55
C PRO B 7 -21.63 23.25 -35.52
N CYS B 8 -22.36 22.34 -36.14
CA CYS B 8 -21.97 20.93 -36.18
C CYS B 8 -20.81 20.70 -37.13
N ILE B 9 -19.76 21.50 -36.98
CA ILE B 9 -18.58 21.40 -37.82
C ILE B 9 -17.45 20.71 -37.06
N SER B 10 -17.37 20.98 -35.75
CA SER B 10 -16.36 20.36 -34.91
C SER B 10 -16.52 18.84 -34.90
N GLN B 11 -17.64 18.37 -35.44
CA GLN B 11 -17.97 16.95 -35.39
C GLN B 11 -18.00 16.50 -33.94
N PRO B 12 -18.36 17.44 -33.06
CA PRO B 12 -18.29 17.26 -31.60
C PRO B 12 -19.02 16.02 -31.04
N CYS B 13 -19.69 15.26 -31.89
CA CYS B 13 -20.41 14.08 -31.46
C CYS B 13 -19.73 12.78 -31.89
N LEU B 14 -18.89 12.23 -31.02
CA LEU B 14 -18.19 10.98 -31.28
C LEU B 14 -18.99 9.78 -30.77
N HIS B 15 -18.54 8.58 -31.12
CA HIS B 15 -19.24 7.36 -30.75
C HIS B 15 -20.68 7.36 -31.28
N ASN B 16 -20.81 7.61 -32.58
CA ASN B 16 -22.13 7.72 -33.20
C ASN B 16 -23.05 8.70 -32.49
N GLY B 17 -22.69 9.98 -32.53
CA GLY B 17 -23.48 11.01 -31.90
C GLY B 17 -24.34 11.77 -32.88
N SER B 18 -25.67 11.68 -32.70
CA SER B 18 -26.60 12.40 -33.57
C SER B 18 -26.61 13.88 -33.25
N CYS B 19 -25.99 14.67 -34.13
CA CYS B 19 -25.85 16.11 -33.90
C CYS B 19 -27.10 16.88 -34.31
N GLN B 20 -27.85 17.33 -33.30
CA GLN B 20 -29.04 18.15 -33.54
C GLN B 20 -28.66 19.63 -33.56
N ASP B 21 -28.31 20.13 -34.74
CA ASP B 21 -27.82 21.51 -34.86
C ASP B 21 -28.92 22.49 -34.45
N SER B 22 -28.80 23.04 -33.24
CA SER B 22 -29.67 24.13 -32.81
C SER B 22 -29.12 25.40 -33.45
N ILE B 23 -29.67 26.56 -33.10
CA ILE B 23 -29.26 27.78 -33.77
C ILE B 23 -28.05 28.50 -33.16
N TRP B 24 -27.83 28.29 -31.86
CA TRP B 24 -26.75 28.96 -31.15
C TRP B 24 -25.72 27.97 -30.62
N GLY B 25 -26.19 26.78 -30.27
CA GLY B 25 -25.32 25.70 -29.83
C GLY B 25 -25.71 24.41 -30.53
N TYR B 26 -25.21 23.29 -30.05
CA TYR B 26 -25.56 22.00 -30.64
C TYR B 26 -26.17 21.04 -29.62
N THR B 27 -26.47 19.83 -30.07
CA THR B 27 -27.05 18.81 -29.21
C THR B 27 -26.65 17.43 -29.72
N CYS B 28 -26.73 16.42 -28.87
CA CYS B 28 -26.33 15.07 -29.26
C CYS B 28 -27.28 13.99 -28.76
N THR B 29 -27.34 12.88 -29.52
CA THR B 29 -28.08 11.70 -29.11
C THR B 29 -27.18 10.49 -29.31
N CYS B 30 -26.23 10.32 -28.38
CA CYS B 30 -25.17 9.32 -28.51
C CYS B 30 -25.70 7.91 -28.78
N SER B 31 -24.88 7.09 -29.43
CA SER B 31 -25.21 5.70 -29.70
C SER B 31 -25.58 5.04 -28.39
N PRO B 32 -26.60 4.15 -28.41
CA PRO B 32 -27.13 3.45 -27.24
C PRO B 32 -26.00 3.03 -26.31
N GLY B 33 -26.20 3.20 -25.00
CA GLY B 33 -25.19 2.84 -24.02
C GLY B 33 -24.16 3.93 -23.78
N TYR B 34 -24.52 5.16 -24.13
CA TYR B 34 -23.65 6.31 -23.94
C TYR B 34 -24.47 7.49 -23.44
N GLU B 35 -23.79 8.58 -23.11
CA GLU B 35 -24.46 9.78 -22.63
C GLU B 35 -23.50 10.96 -22.55
N GLY B 36 -24.00 12.11 -22.15
CA GLY B 36 -23.21 13.32 -22.09
C GLY B 36 -23.55 14.26 -23.23
N SER B 37 -23.13 15.52 -23.10
CA SER B 37 -23.39 16.51 -24.14
C SER B 37 -22.44 16.31 -25.31
N ASN B 38 -21.47 15.42 -25.12
CA ASN B 38 -20.51 15.10 -26.18
C ASN B 38 -20.42 13.61 -26.48
N CYS B 39 -21.00 12.80 -25.60
CA CYS B 39 -21.01 11.34 -25.76
C CYS B 39 -19.70 10.70 -25.33
N GLU B 40 -18.91 11.43 -24.54
CA GLU B 40 -17.63 10.90 -24.08
C GLU B 40 -17.78 10.02 -22.83
N LEU B 41 -19.02 9.89 -22.34
CA LEU B 41 -19.29 9.10 -21.15
C LEU B 41 -19.76 7.71 -21.55
N ALA B 42 -20.19 6.94 -20.55
CA ALA B 42 -20.67 5.57 -20.72
C ALA B 42 -21.40 5.22 -19.44
N LYS B 43 -22.51 4.50 -19.56
CA LYS B 43 -23.32 4.20 -18.38
C LYS B 43 -22.57 3.02 -17.76
N ASN B 44 -21.59 2.51 -18.50
CA ASN B 44 -20.73 1.45 -18.00
C ASN B 44 -19.93 1.90 -16.80
N GLU B 45 -18.98 2.81 -17.05
CA GLU B 45 -18.02 3.23 -16.03
C GLU B 45 -18.44 4.51 -15.32
N CYS B 46 -17.51 5.07 -14.54
CA CYS B 46 -17.71 6.36 -13.88
C CYS B 46 -16.74 7.37 -14.45
N HIS B 47 -17.26 8.52 -14.84
CA HIS B 47 -16.42 9.60 -15.33
C HIS B 47 -16.59 10.81 -14.43
N PRO B 48 -15.48 11.49 -14.10
CA PRO B 48 -15.54 12.67 -13.23
C PRO B 48 -16.40 13.78 -13.82
N GLU B 49 -16.53 13.81 -15.15
CA GLU B 49 -17.27 14.87 -15.81
C GLU B 49 -18.79 14.73 -15.68
N ARG B 50 -19.26 13.50 -15.46
CA ARG B 50 -20.71 13.26 -15.38
C ARG B 50 -21.38 14.17 -14.35
N THR B 51 -22.16 15.12 -14.86
CA THR B 51 -22.85 16.08 -14.01
C THR B 51 -24.10 15.49 -13.37
N ASP B 52 -24.89 14.77 -14.16
CA ASP B 52 -26.14 14.18 -13.69
C ASP B 52 -25.90 12.84 -12.99
N GLY B 53 -24.67 12.61 -12.54
CA GLY B 53 -24.31 11.34 -11.94
C GLY B 53 -24.76 11.14 -10.51
N CYS B 54 -23.96 10.42 -9.73
CA CYS B 54 -24.25 10.20 -8.33
C CYS B 54 -23.91 11.46 -7.55
N GLN B 55 -24.56 11.65 -6.41
CA GLN B 55 -24.30 12.83 -5.59
C GLN B 55 -23.07 12.60 -4.72
N HIS B 56 -22.86 11.36 -4.30
CA HIS B 56 -21.70 11.01 -3.50
C HIS B 56 -20.69 10.05 -4.11
N PHE B 57 -20.91 8.76 -3.91
CA PHE B 57 -19.98 7.75 -4.39
C PHE B 57 -20.58 6.94 -5.52
N CYS B 58 -19.74 6.59 -6.49
CA CYS B 58 -20.17 5.85 -7.67
C CYS B 58 -19.38 4.56 -7.81
N LEU B 59 -20.03 3.52 -8.33
CA LEU B 59 -19.38 2.23 -8.51
C LEU B 59 -19.61 1.71 -9.93
N PRO B 60 -18.53 1.62 -10.72
CA PRO B 60 -18.63 1.18 -12.11
C PRO B 60 -19.25 -0.20 -12.19
N GLY B 61 -20.44 -0.30 -12.77
CA GLY B 61 -21.15 -1.56 -12.87
C GLY B 61 -20.97 -2.28 -14.19
N GLN B 62 -21.79 -3.31 -14.39
CA GLN B 62 -21.76 -4.10 -15.62
C GLN B 62 -22.61 -3.44 -16.70
N GLU B 63 -23.87 -3.19 -16.36
CA GLU B 63 -24.77 -2.46 -17.25
C GLU B 63 -24.62 -0.97 -16.99
N SER B 64 -25.22 -0.50 -15.90
CA SER B 64 -25.10 0.89 -15.48
C SER B 64 -24.20 1.00 -14.26
N TYR B 65 -23.96 2.23 -13.81
CA TYR B 65 -23.18 2.46 -12.58
C TYR B 65 -24.09 2.43 -11.36
N THR B 66 -23.48 2.46 -10.17
CA THR B 66 -24.24 2.39 -8.94
C THR B 66 -23.80 3.46 -7.95
N CYS B 67 -24.71 3.90 -7.10
CA CYS B 67 -24.43 5.01 -6.19
C CYS B 67 -24.48 4.62 -4.72
N SER B 68 -23.44 5.00 -3.99
CA SER B 68 -23.39 4.82 -2.54
C SER B 68 -23.50 6.19 -1.87
N CYS B 69 -23.84 6.20 -0.60
CA CYS B 69 -23.94 7.46 0.15
C CYS B 69 -23.00 7.52 1.34
N ALA B 70 -22.73 8.74 1.81
CA ALA B 70 -21.81 8.94 2.91
C ALA B 70 -22.44 8.65 4.26
N GLN B 71 -21.63 8.71 5.31
CA GLN B 71 -22.07 8.44 6.67
C GLN B 71 -23.25 9.32 7.07
N GLY B 72 -24.42 8.71 7.22
CA GLY B 72 -25.59 9.42 7.71
C GLY B 72 -26.62 9.75 6.64
N TYR B 73 -26.35 9.33 5.41
CA TYR B 73 -27.26 9.63 4.32
C TYR B 73 -27.98 8.38 3.84
N ARG B 74 -29.02 8.59 3.04
CA ARG B 74 -29.71 7.51 2.35
C ARG B 74 -30.04 7.99 0.95
N LEU B 75 -30.20 7.06 0.01
CA LEU B 75 -30.55 7.44 -1.36
C LEU B 75 -32.06 7.58 -1.53
N GLY B 76 -32.49 8.67 -2.15
CA GLY B 76 -33.89 8.87 -2.44
C GLY B 76 -34.34 7.86 -3.48
N GLU B 77 -35.63 7.84 -3.80
CA GLU B 77 -36.14 6.96 -4.83
C GLU B 77 -35.38 7.19 -6.13
N ASP B 78 -34.67 8.32 -6.17
CA ASP B 78 -33.85 8.70 -7.32
C ASP B 78 -32.81 7.62 -7.66
N HIS B 79 -32.22 7.03 -6.63
CA HIS B 79 -31.14 6.07 -6.79
C HIS B 79 -29.82 6.74 -7.17
N LYS B 80 -29.82 8.07 -7.19
CA LYS B 80 -28.60 8.84 -7.46
C LYS B 80 -28.39 9.90 -6.37
N GLN B 81 -29.48 10.34 -5.75
CA GLN B 81 -29.44 11.42 -4.76
C GLN B 81 -29.09 10.89 -3.39
N CYS B 82 -28.66 11.79 -2.50
CA CYS B 82 -28.29 11.41 -1.15
C CYS B 82 -29.04 12.24 -0.09
N VAL B 83 -30.27 11.85 0.19
CA VAL B 83 -31.08 12.53 1.20
C VAL B 83 -30.50 12.32 2.60
N PRO B 84 -30.04 13.40 3.24
CA PRO B 84 -29.53 13.32 4.62
C PRO B 84 -30.53 13.05 5.70
N HIS B 85 -30.48 11.89 6.36
CA HIS B 85 -31.37 11.67 7.52
C HIS B 85 -30.91 10.82 8.72
N ASP B 86 -30.52 11.50 9.80
CA ASP B 86 -30.02 10.81 10.99
C ASP B 86 -30.63 11.47 12.23
N GLN B 87 -30.27 12.72 12.47
CA GLN B 87 -29.38 13.45 11.58
C GLN B 87 -27.99 13.91 12.03
N CYS B 88 -26.97 13.30 11.42
CA CYS B 88 -25.58 13.66 11.65
C CYS B 88 -24.82 13.36 10.37
N ALA B 89 -24.78 14.33 9.46
CA ALA B 89 -24.29 14.02 8.12
C ALA B 89 -23.44 15.10 7.45
N CYS B 90 -22.54 15.73 8.21
CA CYS B 90 -21.50 16.59 7.62
C CYS B 90 -21.98 17.70 6.67
N GLY B 91 -23.19 18.21 6.89
CA GLY B 91 -23.72 19.32 6.11
C GLY B 91 -23.49 20.67 6.78
N VAL B 92 -22.69 21.52 6.15
CA VAL B 92 -22.42 22.85 6.69
C VAL B 92 -23.69 23.68 6.56
N LEU B 93 -24.13 24.26 7.68
CA LEU B 93 -25.35 25.06 7.71
C LEU B 93 -25.24 26.06 6.57
N THR B 94 -26.36 26.68 6.22
CA THR B 94 -26.40 27.68 5.16
C THR B 94 -25.61 28.80 5.82
N SER B 95 -24.38 28.98 5.37
CA SER B 95 -23.48 29.96 5.96
C SER B 95 -22.28 30.14 5.03
N GLU B 96 -22.10 31.37 4.55
CA GLU B 96 -20.97 31.67 3.69
C GLU B 96 -19.86 32.33 4.52
N LYS B 97 -18.63 31.86 4.34
CA LYS B 97 -17.48 32.39 5.05
C LYS B 97 -16.22 32.56 4.22
N ARG B 98 -15.78 33.80 4.04
CA ARG B 98 -14.59 34.10 3.27
C ARG B 98 -13.43 34.76 4.02
N ALA B 99 -13.48 36.09 4.10
CA ALA B 99 -12.47 36.86 4.83
C ALA B 99 -12.81 36.76 6.31
N PRO B 100 -14.11 36.62 6.62
CA PRO B 100 -14.64 36.47 7.98
C PRO B 100 -14.95 35.01 8.32
N ASP B 101 -13.93 34.25 8.67
CA ASP B 101 -14.08 32.83 9.00
C ASP B 101 -15.03 32.62 10.19
N LEU B 102 -14.88 33.46 11.20
CA LEU B 102 -15.80 33.50 12.34
C LEU B 102 -15.86 32.21 13.17
N GLN B 103 -15.01 31.24 12.84
CA GLN B 103 -14.96 29.97 13.57
C GLN B 103 -16.34 29.36 13.73
N ASP B 104 -17.00 29.10 12.61
CA ASP B 104 -18.38 28.64 12.64
C ASP B 104 -18.60 27.35 11.86
N LEU B 105 -17.59 26.50 11.80
CA LEU B 105 -17.75 25.17 11.21
C LEU B 105 -17.77 24.11 12.31
N PRO B 106 -18.83 23.28 12.32
CA PRO B 106 -19.23 22.39 13.40
C PRO B 106 -18.23 21.28 13.74
N TRP B 107 -17.41 20.88 12.78
CA TRP B 107 -16.53 19.73 12.95
C TRP B 107 -15.15 20.06 13.52
N GLN B 108 -14.80 21.33 13.56
CA GLN B 108 -13.51 21.74 14.10
C GLN B 108 -13.54 21.67 15.62
N VAL B 109 -12.39 21.43 16.24
CA VAL B 109 -12.31 21.20 17.68
C VAL B 109 -10.89 21.43 18.20
N LYS B 110 -10.78 21.92 19.43
CA LYS B 110 -9.47 22.17 20.04
C LYS B 110 -9.18 21.16 21.14
N LEU B 111 -7.91 20.95 21.44
CA LEU B 111 -7.50 20.00 22.47
C LEU B 111 -6.75 20.67 23.61
N THR B 112 -7.23 20.45 24.83
CA THR B 112 -6.60 21.02 26.01
C THR B 112 -6.06 19.90 26.88
N ASN B 113 -5.20 20.24 27.83
CA ASN B 113 -4.68 19.24 28.77
C ASN B 113 -5.09 19.65 30.18
N SER B 114 -4.37 19.14 31.18
CA SER B 114 -4.69 19.40 32.57
C SER B 114 -5.06 20.84 32.94
N GLU B 115 -4.58 21.78 32.14
CA GLU B 115 -4.96 23.19 32.29
C GLU B 115 -5.47 23.71 30.96
N GLY B 116 -5.87 24.97 30.93
CA GLY B 116 -6.48 25.55 29.75
C GLY B 116 -5.60 25.57 28.52
N LYS B 117 -4.42 24.99 28.62
CA LYS B 117 -3.46 24.99 27.52
C LYS B 117 -4.02 24.30 26.28
N ASP B 118 -4.00 25.01 25.15
CA ASP B 118 -4.43 24.44 23.88
C ASP B 118 -3.20 24.16 23.04
N PHE B 119 -2.98 22.90 22.71
CA PHE B 119 -1.72 22.48 22.10
C PHE B 119 -1.91 21.83 20.74
N CYS B 120 -3.15 21.55 20.38
CA CYS B 120 -3.42 20.79 19.17
C CYS B 120 -4.87 20.94 18.72
N GLY B 121 -5.11 20.63 17.45
CA GLY B 121 -6.46 20.64 16.93
C GLY B 121 -6.95 19.25 16.56
N GLY B 122 -8.21 19.15 16.17
CA GLY B 122 -8.79 17.88 15.82
C GLY B 122 -10.07 18.06 15.04
N VAL B 123 -10.60 16.97 14.51
CA VAL B 123 -11.83 17.01 13.72
C VAL B 123 -12.81 15.99 14.24
N ILE B 124 -14.06 16.39 14.36
CA ILE B 124 -15.11 15.44 14.67
C ILE B 124 -15.28 14.51 13.46
N ILE B 125 -15.01 13.23 13.67
CA ILE B 125 -15.16 12.23 12.63
C ILE B 125 -16.48 11.50 12.77
N ARG B 126 -16.94 11.33 14.00
CA ARG B 126 -18.25 10.77 14.29
C ARG B 126 -18.76 11.35 15.61
N GLU B 127 -20.00 11.13 15.93
CA GLU B 127 -20.63 11.71 17.11
C GLU B 127 -19.77 11.54 18.38
N ASN B 128 -18.95 10.50 18.42
CA ASN B 128 -18.14 10.22 19.60
C ASN B 128 -16.66 9.95 19.33
N PHE B 129 -16.19 10.36 18.16
CA PHE B 129 -14.78 10.21 17.82
C PHE B 129 -14.21 11.49 17.21
N VAL B 130 -12.94 11.76 17.52
CA VAL B 130 -12.26 12.94 17.01
C VAL B 130 -10.92 12.54 16.45
N LEU B 131 -10.63 12.96 15.22
CA LEU B 131 -9.38 12.61 14.57
C LEU B 131 -8.32 13.68 14.79
N THR B 132 -7.07 13.26 14.96
CA THR B 132 -5.96 14.20 15.11
C THR B 132 -4.63 13.48 14.86
N THR B 133 -3.53 14.25 14.85
CA THR B 133 -2.21 13.65 14.65
C THR B 133 -1.83 12.79 15.84
N ALA B 134 -1.01 11.78 15.59
CA ALA B 134 -0.57 10.89 16.65
C ALA B 134 0.37 11.61 17.61
N LYS B 135 1.28 12.41 17.05
CA LYS B 135 2.27 13.13 17.86
C LYS B 135 1.58 13.93 18.96
N CYS B 136 0.53 14.65 18.59
CA CYS B 136 -0.23 15.45 19.53
C CYS B 136 -0.89 14.58 20.59
N SER B 137 -1.66 13.60 20.14
CA SER B 137 -2.39 12.69 21.04
C SER B 137 -1.49 12.10 22.12
N LEU B 138 -0.18 12.13 21.90
CA LEU B 138 0.76 11.41 22.77
C LEU B 138 1.54 12.27 23.75
N LEU B 139 1.49 13.59 23.59
CA LEU B 139 2.28 14.46 24.46
C LEU B 139 1.57 14.90 25.73
N HIS B 140 0.31 14.50 25.89
CA HIS B 140 -0.40 14.71 27.15
C HIS B 140 -1.36 13.56 27.42
N ARG B 141 -1.49 13.16 28.67
CA ARG B 141 -2.31 11.99 29.00
C ARG B 141 -3.67 12.34 29.58
N ASN B 142 -3.98 13.63 29.66
CA ASN B 142 -5.31 14.04 30.08
C ASN B 142 -5.97 14.97 29.07
N ILE B 143 -6.07 14.51 27.83
CA ILE B 143 -6.66 15.30 26.76
C ILE B 143 -8.15 15.55 26.98
N THR B 144 -8.60 16.74 26.60
CA THR B 144 -10.02 17.08 26.60
C THR B 144 -10.37 17.77 25.28
N VAL B 145 -11.58 17.51 24.79
CA VAL B 145 -12.06 18.11 23.55
C VAL B 145 -12.87 19.38 23.81
N LYS B 146 -12.55 20.44 23.07
CA LYS B 146 -13.19 21.73 23.27
C LYS B 146 -13.76 22.32 21.98
N THR B 147 -15.06 22.59 21.96
CA THR B 147 -15.69 23.18 20.79
C THR B 147 -16.41 24.48 21.16
N TYR B 148 -16.38 25.45 20.24
CA TYR B 148 -17.03 26.74 20.46
C TYR B 148 -18.26 26.92 19.57
N PHE B 149 -18.51 25.91 18.72
CA PHE B 149 -19.58 25.99 17.75
C PHE B 149 -20.93 26.27 18.42
N ASN B 150 -21.58 27.35 17.97
CA ASN B 150 -22.89 27.73 18.48
C ASN B 150 -22.86 27.89 19.99
N ARG B 151 -21.93 28.70 20.48
CA ARG B 151 -21.76 28.87 21.92
C ARG B 151 -21.13 30.21 22.31
N THR B 152 -21.59 30.74 23.43
CA THR B 152 -21.04 31.96 24.01
C THR B 152 -19.56 31.81 24.29
N SER B 153 -18.74 32.65 23.66
CA SER B 153 -17.28 32.59 23.81
C SER B 153 -16.82 32.44 25.27
N GLN B 154 -17.62 32.95 26.20
CA GLN B 154 -17.30 32.84 27.63
C GLN B 154 -16.97 31.40 28.01
N ASP B 155 -17.96 30.51 27.88
CA ASP B 155 -17.74 29.10 28.17
C ASP B 155 -17.90 28.22 26.92
N PRO B 156 -16.89 27.39 26.63
CA PRO B 156 -16.93 26.47 25.50
C PRO B 156 -17.62 25.18 25.89
N LEU B 157 -17.55 24.17 25.02
CA LEU B 157 -18.02 22.84 25.36
C LEU B 157 -16.83 21.96 25.70
N MET B 158 -16.88 21.32 26.86
CA MET B 158 -15.77 20.46 27.31
C MET B 158 -16.18 19.00 27.36
N ILE B 159 -15.38 18.15 26.71
CA ILE B 159 -15.60 16.71 26.73
C ILE B 159 -14.29 15.95 26.96
N LYS B 160 -14.30 15.04 27.94
CA LYS B 160 -13.11 14.29 28.29
C LYS B 160 -12.85 13.15 27.29
N ILE B 161 -11.57 12.87 27.05
CA ILE B 161 -11.19 11.77 26.15
C ILE B 161 -10.99 10.46 26.91
N THR B 162 -11.92 9.53 26.69
CA THR B 162 -11.90 8.24 27.36
C THR B 162 -10.67 7.41 27.02
N HIS B 163 -10.36 7.33 25.74
CA HIS B 163 -9.30 6.47 25.26
C HIS B 163 -8.80 6.95 23.91
N VAL B 164 -7.50 6.81 23.67
CA VAL B 164 -6.93 7.26 22.41
C VAL B 164 -6.36 6.09 21.60
N HIS B 165 -7.00 5.83 20.45
CA HIS B 165 -6.55 4.83 19.50
C HIS B 165 -5.51 5.41 18.55
N VAL B 166 -4.25 5.06 18.76
CA VAL B 166 -3.18 5.47 17.87
C VAL B 166 -3.01 4.44 16.77
N HIS B 167 -2.91 4.90 15.52
CA HIS B 167 -2.75 4.01 14.39
C HIS B 167 -1.66 2.99 14.69
N MET B 168 -1.87 1.74 14.30
CA MET B 168 -0.98 0.65 14.69
C MET B 168 0.30 0.59 13.86
N ARG B 169 0.31 1.29 12.73
CA ARG B 169 1.49 1.29 11.88
C ARG B 169 2.19 2.65 11.94
N TYR B 170 1.95 3.38 13.03
CA TYR B 170 2.53 4.71 13.21
C TYR B 170 4.01 4.65 13.59
N ASP B 171 4.84 5.33 12.82
CA ASP B 171 6.26 5.43 13.11
C ASP B 171 6.66 6.89 13.17
N ALA B 172 6.90 7.40 14.37
CA ALA B 172 7.23 8.80 14.56
C ALA B 172 8.48 9.20 13.81
N ASP B 173 9.50 8.35 13.86
CA ASP B 173 10.74 8.63 13.15
C ASP B 173 10.46 8.88 11.68
N ALA B 174 9.83 7.91 11.02
CA ALA B 174 9.53 8.01 9.60
C ALA B 174 8.42 9.03 9.31
N GLY B 175 7.82 9.56 10.38
CA GLY B 175 6.74 10.52 10.25
C GLY B 175 5.56 9.96 9.48
N GLU B 176 5.48 8.63 9.42
CA GLU B 176 4.43 7.98 8.63
C GLU B 176 3.29 7.44 9.51
N ASN B 177 2.07 7.60 9.00
CA ASN B 177 0.85 7.19 9.69
C ASN B 177 0.63 7.95 10.98
N ASP B 178 0.95 9.24 10.96
CA ASP B 178 0.80 10.09 12.13
C ASP B 178 -0.67 10.46 12.34
N LEU B 179 -1.43 9.53 12.93
CA LEU B 179 -2.87 9.70 13.04
C LEU B 179 -3.42 8.97 14.26
N SER B 180 -4.40 9.57 14.94
CA SER B 180 -5.02 8.97 16.11
C SER B 180 -6.51 9.26 16.18
N LEU B 181 -7.26 8.33 16.76
CA LEU B 181 -8.69 8.50 16.95
C LEU B 181 -9.01 8.66 18.42
N LEU B 182 -9.80 9.67 18.75
CA LEU B 182 -10.06 10.01 20.14
C LEU B 182 -11.51 9.72 20.54
N GLU B 183 -11.67 8.81 21.50
CA GLU B 183 -12.97 8.39 21.99
C GLU B 183 -13.53 9.36 23.02
N LEU B 184 -14.67 9.97 22.71
CA LEU B 184 -15.29 10.95 23.60
C LEU B 184 -16.12 10.27 24.68
N GLU B 185 -16.08 10.84 25.87
CA GLU B 185 -16.82 10.31 27.02
C GLU B 185 -18.31 10.32 26.73
N TRP B 186 -18.78 11.40 26.10
CA TRP B 186 -20.17 11.52 25.72
C TRP B 186 -20.28 11.86 24.25
N PRO B 187 -21.37 11.41 23.60
CA PRO B 187 -21.60 11.75 22.20
C PRO B 187 -21.85 13.25 22.05
N ILE B 188 -21.51 13.79 20.90
CA ILE B 188 -21.76 15.19 20.61
C ILE B 188 -23.21 15.39 20.21
N GLN B 189 -23.91 16.25 20.97
CA GLN B 189 -25.31 16.54 20.72
C GLN B 189 -25.50 17.30 19.41
N CYS B 190 -25.46 16.60 18.29
CA CYS B 190 -25.60 17.25 16.99
C CYS B 190 -27.07 17.31 16.58
N PRO B 191 -27.43 18.25 15.70
CA PRO B 191 -26.56 19.21 15.01
C PRO B 191 -26.22 20.45 15.84
N GLY B 192 -26.79 20.54 17.05
CA GLY B 192 -26.59 21.71 17.90
C GLY B 192 -25.16 21.91 18.36
N ALA B 193 -24.66 20.97 19.17
CA ALA B 193 -23.34 21.10 19.77
C ALA B 193 -22.22 21.10 18.76
N GLY B 194 -22.45 20.44 17.63
CA GLY B 194 -21.44 20.31 16.59
C GLY B 194 -21.90 19.32 15.54
N LEU B 195 -21.00 18.92 14.66
CA LEU B 195 -21.37 18.03 13.56
C LEU B 195 -20.15 17.40 12.88
N PRO B 196 -20.16 16.08 12.72
CA PRO B 196 -19.05 15.37 12.09
C PRO B 196 -18.87 15.75 10.62
N VAL B 197 -17.62 15.84 10.17
CA VAL B 197 -17.31 16.08 8.76
C VAL B 197 -17.36 14.74 8.02
N CYS B 198 -17.52 14.79 6.70
CA CYS B 198 -17.59 13.56 5.92
C CYS B 198 -16.22 12.95 5.64
N THR B 199 -16.15 11.64 5.70
CA THR B 199 -14.93 10.92 5.36
C THR B 199 -15.13 10.22 4.02
N PRO B 200 -14.25 10.51 3.06
CA PRO B 200 -14.41 10.10 1.66
C PRO B 200 -13.82 8.74 1.33
N GLU B 201 -14.39 8.09 0.32
CA GLU B 201 -13.84 6.87 -0.26
C GLU B 201 -12.59 7.23 -1.08
N LYS B 202 -11.57 6.37 -1.04
CA LYS B 202 -10.30 6.66 -1.68
C LYS B 202 -10.42 7.21 -3.11
N ASP B 203 -11.00 6.42 -4.00
CA ASP B 203 -11.01 6.76 -5.43
C ASP B 203 -11.72 8.07 -5.71
N PHE B 204 -12.92 8.19 -5.14
CA PHE B 204 -13.72 9.41 -5.22
C PHE B 204 -12.89 10.63 -4.80
N ALA B 205 -12.19 10.48 -3.68
CA ALA B 205 -11.42 11.58 -3.10
C ALA B 205 -10.17 11.92 -3.90
N GLU B 206 -9.70 10.98 -4.72
CA GLU B 206 -8.43 11.17 -5.42
C GLU B 206 -8.62 11.39 -6.91
N HIS B 207 -9.87 11.34 -7.36
CA HIS B 207 -10.15 11.47 -8.79
C HIS B 207 -11.02 12.67 -9.15
N LEU B 208 -12.00 12.99 -8.30
CA LEU B 208 -12.80 14.18 -8.58
C LEU B 208 -12.71 15.29 -7.52
N LEU B 209 -12.34 14.93 -6.29
CA LEU B 209 -12.15 15.94 -5.26
C LEU B 209 -10.86 16.74 -5.24
N ILE B 210 -9.77 16.06 -4.91
CA ILE B 210 -8.49 16.73 -4.70
C ILE B 210 -7.93 17.38 -5.96
N PRO B 211 -8.04 16.70 -7.11
CA PRO B 211 -7.44 17.27 -8.33
C PRO B 211 -8.32 18.34 -8.96
N ARG B 212 -9.63 18.20 -8.80
CA ARG B 212 -10.57 18.98 -9.57
C ARG B 212 -11.16 20.22 -8.87
N THR B 213 -10.99 20.32 -7.55
CA THR B 213 -11.54 21.47 -6.84
C THR B 213 -10.62 22.00 -5.72
N ARG B 214 -10.81 23.27 -5.38
CA ARG B 214 -10.09 23.87 -4.26
C ARG B 214 -10.68 23.43 -2.92
N GLY B 215 -9.84 23.37 -1.91
CA GLY B 215 -10.30 23.08 -0.56
C GLY B 215 -9.89 24.20 0.37
N LEU B 216 -10.41 24.21 1.59
CA LEU B 216 -9.96 25.21 2.54
C LEU B 216 -9.33 24.61 3.81
N LEU B 217 -8.25 25.26 4.25
CA LEU B 217 -7.43 24.80 5.37
C LEU B 217 -7.85 25.48 6.67
N SER B 218 -8.81 24.88 7.39
CA SER B 218 -9.27 25.44 8.65
C SER B 218 -8.42 25.00 9.84
N GLY B 219 -7.97 25.97 10.63
CA GLY B 219 -7.16 25.70 11.80
C GLY B 219 -6.89 26.95 12.61
N TRP B 220 -5.72 26.99 13.24
CA TRP B 220 -5.31 28.13 14.05
C TRP B 220 -3.79 28.23 14.04
N ALA B 221 -3.28 29.45 14.21
CA ALA B 221 -1.83 29.65 14.27
C ALA B 221 -1.34 29.47 15.70
N ARG B 222 -0.07 29.11 15.84
CA ARG B 222 0.51 28.89 17.16
C ARG B 222 2.03 29.04 17.11
N ASN B 223 2.65 29.36 18.25
CA ASN B 223 1.91 29.54 19.51
C ASN B 223 1.56 30.97 19.91
N GLY B 224 0.37 31.42 19.52
CA GLY B 224 -0.13 32.77 19.84
C GLY B 224 -1.50 33.05 19.36
N THR B 225 -2.10 34.11 19.91
CA THR B 225 -3.47 34.54 19.50
C THR B 225 -3.80 35.85 20.18
N ASP B 226 -5.06 36.25 20.06
CA ASP B 226 -5.54 37.48 20.68
C ASP B 226 -6.37 37.34 21.95
N LEU B 227 -6.08 36.29 22.72
CA LEU B 227 -6.81 35.98 23.94
C LEU B 227 -8.20 35.45 23.56
N GLY B 228 -8.24 34.59 22.55
CA GLY B 228 -9.49 34.01 22.09
C GLY B 228 -9.31 32.91 21.06
N ASN B 229 -10.43 32.40 20.55
CA ASN B 229 -10.41 31.33 19.55
C ASN B 229 -10.77 31.84 18.16
N SER B 230 -9.77 32.32 17.43
CA SER B 230 -9.98 32.83 16.08
C SER B 230 -9.63 31.80 15.01
N LEU B 231 -10.64 31.04 14.58
CA LEU B 231 -10.45 30.00 13.58
C LEU B 231 -10.25 30.66 12.22
N THR B 232 -9.07 30.46 11.64
CA THR B 232 -8.74 31.11 10.37
C THR B 232 -8.66 30.12 9.21
N THR B 233 -9.50 30.33 8.20
CA THR B 233 -9.55 29.45 7.04
C THR B 233 -8.73 30.01 5.87
N ARG B 234 -8.57 29.21 4.81
CA ARG B 234 -7.73 29.62 3.68
C ARG B 234 -7.80 28.62 2.52
N PRO B 235 -8.05 29.14 1.30
CA PRO B 235 -8.13 28.26 0.13
C PRO B 235 -6.78 27.62 -0.18
N VAL B 236 -6.79 26.39 -0.65
CA VAL B 236 -5.57 25.68 -1.07
C VAL B 236 -5.82 24.80 -2.29
N THR B 237 -4.76 24.61 -3.09
CA THR B 237 -4.84 23.69 -4.22
C THR B 237 -3.72 22.66 -4.19
N LEU B 238 -3.97 21.53 -4.84
CA LEU B 238 -3.00 20.47 -4.94
C LEU B 238 -1.68 20.98 -5.51
N VAL B 239 -0.57 20.53 -4.94
CA VAL B 239 0.74 20.73 -5.53
C VAL B 239 1.24 19.38 -5.99
N GLU B 240 1.66 19.30 -7.25
CA GLU B 240 2.17 18.05 -7.81
C GLU B 240 3.37 17.56 -7.00
N GLY B 241 3.27 16.34 -6.46
CA GLY B 241 4.26 15.82 -5.55
C GLY B 241 5.70 15.97 -6.03
N GLU B 242 5.88 15.93 -7.35
CA GLU B 242 7.18 16.10 -7.95
C GLU B 242 7.84 17.40 -7.49
N GLU B 243 7.24 18.53 -7.88
CA GLU B 243 7.71 19.85 -7.48
C GLU B 243 7.83 19.93 -5.97
N CYS B 244 6.73 19.60 -5.29
CA CYS B 244 6.65 19.63 -3.85
C CYS B 244 7.87 19.01 -3.18
N GLY B 245 8.46 18.01 -3.84
CA GLY B 245 9.66 17.36 -3.35
C GLY B 245 10.75 18.37 -3.03
N GLN B 246 11.30 18.99 -4.08
CA GLN B 246 12.36 19.97 -3.90
C GLN B 246 11.91 21.12 -3.00
N VAL B 247 10.79 21.74 -3.35
CA VAL B 247 10.32 22.95 -2.67
C VAL B 247 10.37 22.86 -1.15
N LEU B 248 10.22 21.64 -0.62
CA LEU B 248 10.24 21.46 0.83
C LEU B 248 11.43 20.64 1.32
N ASN B 249 12.21 20.10 0.40
CA ASN B 249 13.33 19.23 0.75
C ASN B 249 12.83 18.04 1.55
N VAL B 250 11.77 17.40 1.04
CA VAL B 250 11.15 16.27 1.71
C VAL B 250 10.68 15.22 0.71
N THR B 251 10.61 13.97 1.16
CA THR B 251 10.15 12.87 0.33
C THR B 251 8.67 12.56 0.61
N VAL B 252 7.86 12.64 -0.44
CA VAL B 252 6.41 12.50 -0.31
C VAL B 252 5.96 11.06 -0.41
N THR B 253 5.69 10.43 0.72
CA THR B 253 5.19 9.04 0.70
C THR B 253 3.84 8.97 0.04
N THR B 254 3.29 7.78 -0.02
CA THR B 254 2.08 7.53 -0.78
C THR B 254 0.83 7.83 0.04
N ARG B 255 1.03 8.30 1.28
CA ARG B 255 -0.09 8.64 2.14
C ARG B 255 -0.06 10.11 2.57
N THR B 256 0.66 10.92 1.80
CA THR B 256 0.72 12.35 2.04
C THR B 256 0.75 13.11 0.72
N TYR B 257 0.29 14.36 0.74
CA TYR B 257 0.33 15.22 -0.43
C TYR B 257 0.47 16.67 -0.01
N CYS B 258 0.62 17.58 -0.99
CA CYS B 258 0.89 18.97 -0.67
C CYS B 258 -0.18 19.96 -1.13
N GLU B 259 -0.21 21.12 -0.48
CA GLU B 259 -1.16 22.19 -0.77
C GLU B 259 -0.42 23.52 -0.74
N ARG B 260 -1.01 24.56 -1.32
CA ARG B 260 -0.42 25.91 -1.25
C ARG B 260 -1.43 27.06 -1.29
N SER B 261 -1.06 28.23 -0.76
CA SER B 261 -1.98 29.35 -0.67
C SER B 261 -1.39 30.76 -0.84
N SER B 262 -0.08 30.89 -0.63
CA SER B 262 0.63 32.17 -0.78
C SER B 262 0.36 33.12 0.40
N VAL B 263 -0.57 32.75 1.26
CA VAL B 263 -0.76 33.47 2.51
C VAL B 263 0.29 32.87 3.42
N ALA B 264 1.28 33.66 3.77
CA ALA B 264 2.41 33.18 4.58
C ALA B 264 1.98 33.12 6.04
N ALA B 265 1.15 32.13 6.37
CA ALA B 265 0.72 31.91 7.75
C ALA B 265 1.24 30.57 8.25
N MET B 266 1.80 30.54 9.45
CA MET B 266 2.21 29.30 10.05
C MET B 266 1.01 28.67 10.74
N HIS B 267 0.39 27.70 10.06
CA HIS B 267 -0.78 27.01 10.58
C HIS B 267 -0.28 26.02 11.63
N TRP B 268 0.52 26.51 12.56
CA TRP B 268 1.22 25.65 13.52
C TRP B 268 0.29 24.60 14.10
N MET B 269 -0.88 25.04 14.58
CA MET B 269 -1.82 24.09 15.17
C MET B 269 -1.80 22.85 14.31
N ASP B 270 -1.49 21.72 14.92
CA ASP B 270 -1.28 20.50 14.16
C ASP B 270 -2.59 19.90 13.67
N GLY B 271 -3.58 19.82 14.55
CA GLY B 271 -4.86 19.24 14.19
C GLY B 271 -5.59 19.99 13.07
N SER B 272 -4.93 20.99 12.50
CA SER B 272 -5.48 21.71 11.35
C SER B 272 -5.81 20.70 10.27
N VAL B 273 -6.83 21.01 9.47
CA VAL B 273 -7.25 20.08 8.43
C VAL B 273 -7.68 20.79 7.16
N VAL B 274 -7.55 20.07 6.04
CA VAL B 274 -8.02 20.55 4.75
C VAL B 274 -9.32 19.83 4.41
N THR B 275 -10.30 20.55 3.88
CA THR B 275 -11.53 19.94 3.42
C THR B 275 -11.97 20.46 2.05
N ARG B 276 -12.76 19.64 1.36
CA ARG B 276 -13.29 20.02 0.06
C ARG B 276 -14.76 19.67 0.07
N GLU B 277 -15.57 20.46 -0.63
CA GLU B 277 -17.00 20.18 -0.68
C GLU B 277 -17.36 19.67 -2.06
N HIS B 278 -18.39 18.83 -2.10
CA HIS B 278 -18.88 18.26 -3.35
C HIS B 278 -20.39 18.18 -3.27
N ARG B 279 -21.06 18.76 -4.26
CA ARG B 279 -22.52 18.78 -4.31
C ARG B 279 -23.16 18.97 -2.93
N GLY B 280 -22.71 19.99 -2.20
CA GLY B 280 -23.34 20.40 -0.96
C GLY B 280 -23.02 19.58 0.27
N SER B 281 -21.83 18.97 0.28
CA SER B 281 -21.36 18.25 1.47
C SER B 281 -19.86 18.40 1.57
N TRP B 282 -19.36 18.59 2.79
CA TRP B 282 -17.93 18.76 3.00
C TRP B 282 -17.20 17.46 3.36
N PHE B 283 -16.05 17.22 2.71
CA PHE B 283 -15.32 15.98 2.88
C PHE B 283 -13.90 16.20 3.42
N LEU B 284 -13.58 15.56 4.53
CA LEU B 284 -12.23 15.67 5.10
C LEU B 284 -11.20 15.08 4.16
N THR B 285 -10.37 15.94 3.61
CA THR B 285 -9.43 15.51 2.59
C THR B 285 -8.01 15.31 3.13
N GLY B 286 -7.65 16.09 4.15
CA GLY B 286 -6.33 16.01 4.74
C GLY B 286 -6.24 16.43 6.19
N VAL B 287 -5.25 15.91 6.88
CA VAL B 287 -4.95 16.32 8.24
C VAL B 287 -3.53 16.83 8.26
N LEU B 288 -3.33 18.00 8.88
CA LEU B 288 -2.04 18.66 8.82
C LEU B 288 -1.07 18.09 9.84
N GLY B 289 -0.10 17.33 9.35
CA GLY B 289 0.95 16.82 10.21
C GLY B 289 1.77 17.98 10.72
N SER B 290 3.03 17.72 11.06
CA SER B 290 3.94 18.79 11.43
C SER B 290 4.67 19.26 10.19
N GLN B 291 3.95 19.94 9.31
CA GLN B 291 4.51 20.47 8.07
C GLN B 291 5.75 21.31 8.37
N PRO B 292 6.91 20.82 7.90
CA PRO B 292 8.23 21.42 8.12
C PRO B 292 9.32 20.75 7.28
N VAL B 293 10.55 21.26 7.32
CA VAL B 293 10.86 22.49 8.05
C VAL B 293 11.12 23.65 7.08
N GLY B 294 11.27 23.31 5.81
CA GLY B 294 11.46 24.29 4.77
C GLY B 294 10.19 25.07 4.52
N GLY B 295 10.04 26.19 5.23
CA GLY B 295 8.89 27.06 5.06
C GLY B 295 9.33 28.48 4.73
N GLN B 296 9.01 28.97 3.53
CA GLN B 296 8.17 28.28 2.54
C GLN B 296 6.78 27.99 3.09
N ALA B 297 6.37 28.80 4.07
CA ALA B 297 5.11 28.58 4.79
C ALA B 297 3.92 28.42 3.85
N HIS B 298 4.03 28.93 2.63
CA HIS B 298 2.90 28.94 1.71
C HIS B 298 2.51 27.54 1.23
N MET B 299 3.45 26.61 1.30
CA MET B 299 3.19 25.23 0.90
C MET B 299 3.09 24.33 2.13
N VAL B 300 2.14 23.41 2.10
CA VAL B 300 1.80 22.62 3.29
C VAL B 300 1.82 21.11 3.01
N LEU B 301 2.21 20.31 4.00
CA LEU B 301 2.29 18.85 3.83
C LEU B 301 1.24 18.08 4.64
N VAL B 302 0.24 17.56 3.95
CA VAL B 302 -0.91 16.97 4.61
C VAL B 302 -0.90 15.45 4.59
N THR B 303 -1.64 14.84 5.51
CA THR B 303 -1.77 13.38 5.58
C THR B 303 -3.03 12.94 4.86
N LYS B 304 -2.87 12.15 3.81
CA LYS B 304 -3.97 11.74 2.93
C LYS B 304 -5.05 10.89 3.63
N VAL B 305 -6.10 11.55 4.13
CA VAL B 305 -7.12 10.87 4.92
C VAL B 305 -7.88 9.80 4.12
N SER B 306 -7.90 9.93 2.80
CA SER B 306 -8.62 8.99 1.95
C SER B 306 -8.03 7.58 2.01
N ARG B 307 -6.88 7.44 2.65
CA ARG B 307 -6.20 6.16 2.68
C ARG B 307 -6.55 5.35 3.91
N TYR B 308 -7.02 6.02 4.96
CA TYR B 308 -7.26 5.37 6.24
C TYR B 308 -8.73 5.00 6.43
N SER B 309 -9.42 4.75 5.34
CA SER B 309 -10.84 4.41 5.36
C SER B 309 -11.15 3.14 6.16
N LEU B 310 -10.31 2.11 6.00
CA LEU B 310 -10.50 0.84 6.69
C LEU B 310 -10.20 0.99 8.18
N TRP B 311 -9.12 1.70 8.48
CA TRP B 311 -8.71 1.91 9.88
C TRP B 311 -9.82 2.54 10.70
N PHE B 312 -10.58 3.44 10.07
CA PHE B 312 -11.72 4.05 10.75
C PHE B 312 -12.77 2.99 11.05
N LYS B 313 -13.28 2.35 9.99
CA LYS B 313 -14.34 1.34 10.14
C LYS B 313 -13.99 0.29 11.17
N GLN B 314 -12.73 -0.14 11.20
CA GLN B 314 -12.31 -1.19 12.12
C GLN B 314 -12.43 -0.73 13.57
N ILE B 315 -11.93 0.47 13.86
CA ILE B 315 -11.92 1.00 15.22
C ILE B 315 -13.29 1.47 15.70
N MET B 316 -13.95 2.29 14.89
CA MET B 316 -15.21 2.92 15.27
C MET B 316 -16.42 2.06 14.95
N ASN B 317 -16.25 1.11 14.03
CA ASN B 317 -17.33 0.22 13.64
C ASN B 317 -18.40 0.93 12.80
#